data_2XTS
#
_entry.id   2XTS
#
_cell.length_a   122.970
_cell.length_b   122.970
_cell.length_c   76.390
_cell.angle_alpha   90.00
_cell.angle_beta   90.00
_cell.angle_gamma   120.00
#
_symmetry.space_group_name_H-M   'P 31'
#
loop_
_entity.id
_entity.type
_entity.pdbx_description
1 polymer 'SULFITE DEHYDROGENASE'
2 polymer CYTOCHROME
3 non-polymer 'PHOSPHONIC ACIDMONO-(2-AMINO-5,6-DIMERCAPTO-4-OXO-3,7,8A,9,10,10A-HEXAHYDRO-4H-8-OXA-1,3,9,10-TETRAAZA-ANTHRACEN-7-YLMETHYL)ESTER'
4 non-polymer 'MOLYBDENUM (IV)OXIDE'
5 non-polymer 'COBALT (II) ION'
6 non-polymer GLYCEROL
7 non-polymer 'HEME C'
8 non-polymer 'CALCIUM ION'
9 water water
#
loop_
_entity_poly.entity_id
_entity_poly.type
_entity_poly.pdbx_seq_one_letter_code
_entity_poly.pdbx_strand_id
1 'polypeptide(L)'
;AGTPDPLITEIQPWASEFGEAVDAHPYGLPIHFESHVKRQYVEWLTESPVSSINFTPIHALEGTITPQGCAFERHHSGAI
ELSKQDYRLMINGLVEKPLVFTFEDLLRFPRTTTTAFCECAANGGMEWGGAQLEGCQYTQGMIHNMEYVGVPLSVLLAEA
GVKPEGKWLYAEGADASSNGRSFPMEKVMDDVMLAFFANGEALRKEHGYPARLVVPGWEGNMWVKWVRRLGIYDKAVESR
EETSKYTDLMPDGRARKWTWVMDAKSVITSPSPQVPIRHGKGPLVISGLAWSGNGRITRVDVSLDGGKNWTTARITGQAL
PKALTRFHLDIDWDGSEMLLQSRAVDETGYVQPTKDALRAIRGRNNVYHNNGIQTWWVKADGEVENVEIA
;
A,C
2 'polypeptide(L)'
;DKLGLGREALPEEISAWDTAVLPDGQGLRPGSGDVATGDALFADNCASCHGDFAEGLDSWPVLAGGDGSLTDPRPVKTIG
SYWPYLSTVYDYVHRSMPFGSAQTLSVDDTYAITAFLLYSNGLVEDDFVLTHENFTQVVLPNAEGFYPDDRDQTEYPLFS
KEPCMTDCAVGVEITKRAVDLNVTPEDPDGRPAGSMPDLGAAAAP
;
B,D
#
# COMPACT_ATOMS: atom_id res chain seq x y z
N GLY A 2 -3.36 -6.69 -43.79
CA GLY A 2 -4.56 -7.35 -43.20
C GLY A 2 -5.32 -6.45 -42.23
N THR A 3 -5.47 -5.18 -42.62
CA THR A 3 -6.20 -4.11 -41.91
C THR A 3 -5.49 -3.50 -40.68
N PRO A 4 -4.67 -2.45 -40.89
CA PRO A 4 -3.93 -1.88 -39.77
C PRO A 4 -4.81 -1.22 -38.72
N ASP A 5 -4.40 -1.34 -37.45
CA ASP A 5 -5.20 -0.81 -36.36
C ASP A 5 -4.90 0.68 -36.21
N PRO A 6 -5.93 1.54 -36.38
CA PRO A 6 -5.68 2.99 -36.26
C PRO A 6 -5.20 3.47 -34.90
N LEU A 7 -5.43 2.68 -33.86
CA LEU A 7 -4.87 3.02 -32.55
CA LEU A 7 -4.87 2.98 -32.53
C LEU A 7 -3.34 2.97 -32.55
N ILE A 8 -2.77 2.37 -33.59
CA ILE A 8 -1.31 2.37 -33.82
C ILE A 8 -0.95 3.27 -35.01
N THR A 9 -1.66 3.14 -36.14
CA THR A 9 -1.22 3.85 -37.33
C THR A 9 -1.58 5.33 -37.35
N GLU A 10 -2.55 5.76 -36.54
CA GLU A 10 -2.85 7.16 -36.37
C GLU A 10 -2.29 7.63 -35.03
N ILE A 11 -1.67 8.81 -35.04
CA ILE A 11 -1.09 9.41 -33.83
C ILE A 11 -2.24 9.79 -32.89
N GLN A 12 -2.20 9.32 -31.66
CA GLN A 12 -3.27 9.60 -30.69
C GLN A 12 -2.90 10.85 -29.90
N PRO A 13 -3.90 11.52 -29.32
CA PRO A 13 -3.60 12.79 -28.67
C PRO A 13 -2.58 12.68 -27.54
N TRP A 14 -2.60 11.56 -26.80
CA TRP A 14 -1.68 11.36 -25.70
C TRP A 14 -0.24 11.18 -26.14
N ALA A 15 -0.01 10.97 -27.44
CA ALA A 15 1.35 10.82 -28.00
C ALA A 15 1.84 12.10 -28.65
N SER A 16 1.09 13.20 -28.45
CA SER A 16 1.43 14.48 -29.07
C SER A 16 1.30 15.66 -28.12
N GLU A 17 0.14 15.74 -27.48
CA GLU A 17 -0.20 16.79 -26.53
C GLU A 17 0.29 16.43 -25.14
N PHE A 18 0.16 17.35 -24.20
CA PHE A 18 0.56 17.14 -22.82
C PHE A 18 -0.49 16.35 -22.07
N GLY A 19 -0.01 15.54 -21.11
CA GLY A 19 -0.82 15.01 -20.04
C GLY A 19 -0.92 16.02 -18.89
N GLU A 20 -1.38 15.59 -17.73
CA GLU A 20 -1.47 16.46 -16.56
C GLU A 20 -0.09 16.78 -15.94
N ALA A 21 -0.01 17.96 -15.34
CA ALA A 21 1.19 18.41 -14.69
C ALA A 21 1.45 17.73 -13.35
N VAL A 22 2.68 17.85 -12.86
CA VAL A 22 3.05 17.24 -11.59
C VAL A 22 2.48 17.92 -10.36
N ASP A 23 1.89 19.09 -10.54
CA ASP A 23 1.25 19.78 -9.44
C ASP A 23 -0.26 19.61 -9.40
N ALA A 24 -0.83 18.71 -10.23
CA ALA A 24 -2.28 18.64 -10.37
C ALA A 24 -2.93 17.96 -9.19
N HIS A 25 -2.28 16.97 -8.57
CA HIS A 25 -2.93 16.14 -7.55
C HIS A 25 -1.97 15.82 -6.41
N PRO A 26 -2.00 16.64 -5.35
CA PRO A 26 -1.09 16.39 -4.25
C PRO A 26 -1.26 15.04 -3.56
N TYR A 27 -2.51 14.55 -3.51
CA TYR A 27 -2.80 13.23 -2.99
C TYR A 27 -3.82 12.61 -3.94
N GLY A 28 -3.36 11.65 -4.74
CA GLY A 28 -4.14 11.12 -5.85
C GLY A 28 -5.04 9.96 -5.50
N LEU A 29 -5.95 9.71 -6.41
CA LEU A 29 -6.88 8.61 -6.43
C LEU A 29 -6.70 7.77 -7.69
N PRO A 30 -7.25 6.55 -7.71
CA PRO A 30 -7.24 5.76 -8.94
C PRO A 30 -7.81 6.45 -10.17
N ILE A 31 -7.34 6.05 -11.34
CA ILE A 31 -7.91 6.54 -12.58
C ILE A 31 -9.38 6.14 -12.66
N HIS A 32 -10.18 6.92 -13.37
CA HIS A 32 -11.62 6.72 -13.31
C HIS A 32 -12.03 5.39 -13.91
N PHE A 33 -11.24 4.84 -14.81
CA PHE A 33 -11.54 3.53 -15.41
C PHE A 33 -11.55 2.39 -14.42
N GLU A 34 -10.98 2.64 -13.25
CA GLU A 34 -10.88 1.65 -12.18
C GLU A 34 -11.95 1.82 -11.09
N SER A 35 -13.05 2.46 -11.45
CA SER A 35 -14.08 2.81 -10.46
C SER A 35 -14.75 1.62 -9.80
N HIS A 36 -14.73 0.48 -10.47
CA HIS A 36 -15.28 -0.77 -9.90
C HIS A 36 -14.45 -1.36 -8.77
N VAL A 37 -13.23 -0.90 -8.59
CA VAL A 37 -12.35 -1.34 -7.52
C VAL A 37 -12.60 -0.46 -6.30
N LYS A 38 -13.64 -0.78 -5.56
CA LYS A 38 -14.12 0.03 -4.45
C LYS A 38 -14.79 -0.87 -3.46
N ARG A 39 -15.07 -0.32 -2.28
CA ARG A 39 -15.84 -1.03 -1.28
C ARG A 39 -17.28 -1.11 -1.72
N GLN A 40 -17.91 -2.25 -1.48
CA GLN A 40 -19.34 -2.43 -1.73
C GLN A 40 -20.05 -2.68 -0.42
N TYR A 41 -21.31 -2.33 -0.41
CA TYR A 41 -22.18 -2.41 0.76
C TYR A 41 -23.41 -3.24 0.39
N VAL A 42 -23.75 -4.22 1.23
CA VAL A 42 -24.94 -5.06 1.05
C VAL A 42 -25.90 -4.67 2.17
N GLU A 43 -26.91 -3.89 1.83
CA GLU A 43 -27.75 -3.29 2.88
C GLU A 43 -28.50 -4.33 3.75
N TRP A 44 -28.97 -5.41 3.14
CA TRP A 44 -29.81 -6.35 3.89
C TRP A 44 -29.09 -7.10 5.02
N LEU A 45 -27.76 -7.04 5.04
CA LEU A 45 -27.02 -7.84 6.02
C LEU A 45 -27.17 -7.32 7.45
N THR A 46 -27.47 -6.03 7.62
CA THR A 46 -27.57 -5.43 8.96
C THR A 46 -28.73 -4.47 9.04
N GLU A 47 -29.12 -4.08 10.26
CA GLU A 47 -30.23 -3.11 10.38
C GLU A 47 -29.84 -1.65 10.33
N SER A 48 -28.56 -1.34 10.54
CA SER A 48 -28.09 0.03 10.57
C SER A 48 -26.78 0.11 9.84
N PRO A 49 -26.57 1.17 9.05
CA PRO A 49 -25.32 1.27 8.30
C PRO A 49 -24.14 1.76 9.14
N VAL A 50 -24.40 2.16 10.39
CA VAL A 50 -23.31 2.45 11.34
C VAL A 50 -22.85 1.25 12.18
N SER A 51 -23.67 0.20 12.28
CA SER A 51 -23.19 -1.07 12.81
C SER A 51 -23.29 -2.10 11.70
N SER A 52 -22.26 -2.16 10.89
CA SER A 52 -22.32 -2.84 9.63
C SER A 52 -20.92 -3.07 9.09
N ILE A 53 -20.92 -3.55 7.85
CA ILE A 53 -19.77 -4.12 7.18
C ILE A 53 -19.80 -3.63 5.74
N ASN A 54 -18.61 -3.42 5.14
CA ASN A 54 -18.49 -3.35 3.70
C ASN A 54 -17.38 -4.28 3.26
N PHE A 55 -17.13 -4.38 1.95
CA PHE A 55 -16.35 -5.48 1.43
C PHE A 55 -15.22 -5.01 0.52
N THR A 56 -14.02 -5.53 0.77
CA THR A 56 -12.86 -5.22 -0.06
C THR A 56 -13.03 -5.86 -1.45
N PRO A 57 -12.65 -5.14 -2.52
CA PRO A 57 -12.78 -5.67 -3.89
C PRO A 57 -11.68 -6.66 -4.23
N ILE A 58 -11.63 -7.77 -3.49
CA ILE A 58 -10.59 -8.76 -3.71
C ILE A 58 -10.66 -9.47 -5.06
N HIS A 59 -11.78 -9.41 -5.76
CA HIS A 59 -11.82 -9.95 -7.12
C HIS A 59 -10.87 -9.25 -8.06
N ALA A 60 -10.64 -7.96 -7.83
CA ALA A 60 -9.93 -7.11 -8.79
C ALA A 60 -8.49 -6.84 -8.40
N LEU A 61 -8.13 -7.14 -7.16
CA LEU A 61 -6.80 -6.89 -6.66
C LEU A 61 -5.84 -8.00 -7.06
N GLU A 62 -4.55 -7.71 -6.97
CA GLU A 62 -3.49 -8.71 -7.13
C GLU A 62 -2.49 -8.54 -5.98
N GLY A 63 -1.48 -9.40 -5.96
CA GLY A 63 -0.48 -9.31 -4.93
C GLY A 63 -1.08 -9.60 -3.56
N THR A 64 -0.58 -8.91 -2.56
CA THR A 64 -0.99 -9.13 -1.19
C THR A 64 -1.35 -7.86 -0.39
N ILE A 65 -0.82 -6.70 -0.78
CA ILE A 65 -1.08 -5.47 -0.04
C ILE A 65 -2.45 -4.93 -0.43
N THR A 66 -3.33 -4.68 0.53
CA THR A 66 -4.63 -4.10 0.21
C THR A 66 -4.52 -2.58 0.17
N PRO A 67 -4.97 -1.93 -0.92
CA PRO A 67 -4.99 -0.45 -0.89
C PRO A 67 -5.91 0.02 0.20
N GLN A 68 -5.43 0.88 1.08
CA GLN A 68 -6.19 1.21 2.25
C GLN A 68 -7.48 1.95 1.92
N GLY A 69 -7.52 2.66 0.80
CA GLY A 69 -8.75 3.32 0.43
C GLY A 69 -9.90 2.39 0.07
N CYS A 70 -9.61 1.16 -0.33
CA CYS A 70 -10.68 0.20 -0.56
C CYS A 70 -10.68 -1.01 0.36
N ALA A 71 -9.90 -0.92 1.44
CA ALA A 71 -9.86 -1.95 2.46
C ALA A 71 -11.13 -1.87 3.30
N PHE A 72 -11.75 -3.02 3.54
CA PHE A 72 -13.07 -3.07 4.18
C PHE A 72 -13.09 -2.39 5.53
N GLU A 73 -14.30 -2.01 5.93
CA GLU A 73 -14.64 -1.39 7.21
C GLU A 73 -15.65 -2.24 7.92
N ARG A 74 -15.48 -2.37 9.23
CA ARG A 74 -16.53 -2.90 10.10
C ARG A 74 -16.59 -2.00 11.33
N HIS A 75 -17.74 -1.38 11.54
CA HIS A 75 -18.00 -0.52 12.71
C HIS A 75 -19.23 -0.99 13.45
N HIS A 76 -19.32 -0.59 14.71
CA HIS A 76 -20.52 -0.84 15.51
C HIS A 76 -21.25 0.45 15.93
N SER A 77 -20.56 1.60 15.89
CA SER A 77 -21.21 2.90 16.10
C SER A 77 -20.63 3.93 15.13
N GLY A 78 -20.22 3.46 13.94
CA GLY A 78 -19.68 4.29 12.87
C GLY A 78 -18.19 4.60 13.03
N ALA A 79 -17.63 5.22 12.00
CA ALA A 79 -16.23 5.59 11.95
C ALA A 79 -16.10 6.96 12.59
N ILE A 80 -15.41 7.05 13.73
CA ILE A 80 -15.31 8.32 14.45
C ILE A 80 -14.08 9.10 14.07
N GLU A 81 -14.18 10.41 14.26
CA GLU A 81 -13.09 11.34 14.08
C GLU A 81 -12.42 11.67 15.40
N LEU A 82 -11.18 11.25 15.52
CA LEU A 82 -10.41 11.37 16.76
C LEU A 82 -9.03 11.95 16.42
N SER A 83 -8.84 13.23 16.73
CA SER A 83 -7.56 13.90 16.46
C SER A 83 -6.45 13.35 17.36
N LYS A 84 -5.22 13.51 16.92
CA LYS A 84 -4.08 13.15 17.73
C LYS A 84 -3.99 14.03 18.98
N GLN A 85 -4.50 15.24 18.90
CA GLN A 85 -4.55 16.15 20.05
C GLN A 85 -5.51 15.66 21.12
N ASP A 86 -6.67 15.16 20.71
CA ASP A 86 -7.68 14.67 21.65
C ASP A 86 -7.46 13.25 22.15
N TYR A 87 -6.66 12.49 21.42
CA TYR A 87 -6.41 11.09 21.75
C TYR A 87 -5.78 10.91 23.13
N ARG A 88 -6.28 9.94 23.88
CA ARG A 88 -5.64 9.53 25.13
C ARG A 88 -5.69 8.01 25.22
N LEU A 89 -4.60 7.42 25.70
CA LEU A 89 -4.55 5.97 25.99
C LEU A 89 -4.29 5.78 27.47
N MET A 90 -5.15 5.00 28.10
CA MET A 90 -5.07 4.71 29.53
C MET A 90 -4.70 3.27 29.72
N ILE A 91 -3.81 3.01 30.68
CA ILE A 91 -3.51 1.65 31.16
C ILE A 91 -3.83 1.61 32.64
N ASN A 92 -4.71 0.70 33.05
CA ASN A 92 -5.14 0.66 34.46
C ASN A 92 -5.43 -0.76 34.87
N GLY A 93 -5.80 -0.94 36.12
CA GLY A 93 -6.17 -2.24 36.67
C GLY A 93 -5.02 -2.82 37.48
N LEU A 94 -4.71 -4.08 37.24
CA LEU A 94 -3.68 -4.80 38.00
C LEU A 94 -2.29 -4.43 37.49
N VAL A 95 -1.96 -3.15 37.66
CA VAL A 95 -0.68 -2.57 37.31
C VAL A 95 -0.13 -1.81 38.50
N GLU A 96 1.19 -1.67 38.52
CA GLU A 96 1.83 -0.94 39.62
C GLU A 96 1.52 0.54 39.60
N LYS A 97 1.43 1.12 38.40
CA LYS A 97 1.09 2.53 38.24
C LYS A 97 0.18 2.67 37.01
N PRO A 98 -1.08 3.08 37.21
CA PRO A 98 -1.92 3.31 36.04
C PRO A 98 -1.45 4.57 35.33
N LEU A 99 -1.52 4.56 34.01
CA LEU A 99 -0.94 5.62 33.18
C LEU A 99 -1.91 6.20 32.17
N VAL A 100 -1.67 7.45 31.81
CA VAL A 100 -2.31 8.10 30.67
C VAL A 100 -1.18 8.53 29.73
N PHE A 101 -1.33 8.18 28.45
CA PHE A 101 -0.41 8.57 27.38
C PHE A 101 -1.13 9.48 26.37
N THR A 102 -0.40 10.47 25.89
CA THR A 102 -0.81 11.24 24.75
C THR A 102 -0.26 10.59 23.48
N PHE A 103 -0.73 11.02 22.32
CA PHE A 103 -0.17 10.49 21.09
C PHE A 103 1.32 10.86 20.94
N GLU A 104 1.68 12.07 21.35
CA GLU A 104 3.07 12.51 21.34
C GLU A 104 3.95 11.52 22.11
N ASP A 105 3.46 11.05 23.27
CA ASP A 105 4.20 10.08 24.07
C ASP A 105 4.41 8.78 23.28
N LEU A 106 3.34 8.32 22.63
CA LEU A 106 3.40 7.04 21.96
C LEU A 106 4.39 6.99 20.81
N LEU A 107 4.62 8.14 20.17
CA LEU A 107 5.62 8.25 19.09
C LEU A 107 7.07 8.17 19.61
N ARG A 108 7.26 8.03 20.91
CA ARG A 108 8.59 8.01 21.51
C ARG A 108 9.03 6.64 21.99
N PHE A 109 8.14 5.65 21.92
CA PHE A 109 8.49 4.27 22.26
C PHE A 109 9.16 3.52 21.11
N PRO A 110 9.98 2.51 21.43
CA PRO A 110 10.59 1.70 20.39
C PRO A 110 9.53 1.08 19.49
N ARG A 111 9.77 1.11 18.18
CA ARG A 111 8.80 0.65 17.19
C ARG A 111 9.09 -0.72 16.62
N THR A 112 8.03 -1.39 16.22
CA THR A 112 8.09 -2.68 15.56
C THR A 112 7.17 -2.64 14.34
N THR A 113 7.23 -3.69 13.54
CA THR A 113 6.40 -3.83 12.37
C THR A 113 5.88 -5.24 12.23
N THR A 114 4.69 -5.37 11.66
CA THR A 114 4.24 -6.66 11.18
C THR A 114 3.34 -6.43 9.99
N THR A 115 3.30 -7.42 9.12
CA THR A 115 2.37 -7.45 7.99
C THR A 115 1.37 -8.56 8.31
N ALA A 116 0.09 -8.23 8.34
CA ALA A 116 -0.93 -9.13 8.88
C ALA A 116 -2.25 -8.91 8.26
N PHE A 117 -2.98 -10.01 8.08
CA PHE A 117 -4.33 -9.92 7.63
C PHE A 117 -5.29 -9.68 8.79
N CYS A 118 -6.27 -8.81 8.54
CA CYS A 118 -7.39 -8.57 9.44
C CYS A 118 -8.61 -9.15 8.76
N GLU A 119 -9.08 -10.32 9.24
CA GLU A 119 -10.24 -10.98 8.67
C GLU A 119 -11.37 -10.93 9.69
N CYS A 120 -12.50 -10.35 9.29
CA CYS A 120 -13.66 -10.38 10.17
C CYS A 120 -14.06 -11.83 10.46
N ALA A 121 -14.40 -12.10 11.72
CA ALA A 121 -14.86 -13.40 12.13
C ALA A 121 -16.01 -13.89 11.26
N ALA A 122 -16.82 -12.93 10.81
CA ALA A 122 -18.02 -13.20 10.01
C ALA A 122 -17.78 -13.37 8.52
N ASN A 123 -16.52 -13.33 8.07
CA ASN A 123 -16.23 -13.43 6.65
C ASN A 123 -16.75 -14.78 6.12
N GLY A 124 -17.60 -14.73 5.10
CA GLY A 124 -18.22 -15.96 4.62
C GLY A 124 -19.34 -16.53 5.46
N GLY A 125 -19.72 -15.83 6.52
CA GLY A 125 -20.71 -16.39 7.45
C GLY A 125 -22.08 -16.55 6.82
N MET A 126 -22.42 -15.68 5.88
CA MET A 126 -23.68 -15.78 5.14
C MET A 126 -23.73 -17.03 4.27
N GLU A 127 -22.58 -17.67 4.05
CA GLU A 127 -22.45 -18.89 3.25
C GLU A 127 -22.47 -20.18 4.06
N TRP A 128 -22.69 -20.08 5.37
CA TRP A 128 -22.72 -21.29 6.19
C TRP A 128 -23.82 -22.26 5.75
N GLY A 129 -24.94 -21.71 5.33
CA GLY A 129 -26.14 -22.50 5.04
C GLY A 129 -26.40 -22.69 3.57
N GLY A 130 -25.45 -22.32 2.71
CA GLY A 130 -25.65 -22.42 1.27
C GLY A 130 -24.86 -21.39 0.51
N ALA A 131 -25.17 -21.21 -0.76
CA ALA A 131 -24.53 -20.23 -1.64
C ALA A 131 -25.49 -19.06 -1.78
N GLN A 132 -25.11 -17.90 -1.26
CA GLN A 132 -26.05 -16.78 -1.18
C GLN A 132 -25.60 -15.58 -2.01
N LEU A 133 -24.37 -15.13 -1.89
CA LEU A 133 -23.93 -13.91 -2.56
C LEU A 133 -23.02 -14.24 -3.73
N GLU A 134 -23.03 -13.36 -4.74
CA GLU A 134 -22.41 -13.62 -6.02
C GLU A 134 -21.14 -12.78 -6.20
N GLY A 135 -20.00 -13.35 -5.87
CA GLY A 135 -18.72 -12.66 -6.00
C GLY A 135 -17.87 -12.82 -4.78
N CYS A 136 -16.58 -13.08 -4.97
CA CYS A 136 -15.68 -13.22 -3.84
C CYS A 136 -15.51 -11.92 -3.06
N GLN A 137 -15.76 -10.76 -3.66
CA GLN A 137 -15.79 -9.53 -2.87
C GLN A 137 -16.76 -9.72 -1.70
N TYR A 138 -17.91 -10.34 -1.98
CA TYR A 138 -18.99 -10.49 -0.99
C TYR A 138 -18.77 -11.69 -0.07
N THR A 139 -18.35 -12.81 -0.62
CA THR A 139 -18.26 -14.02 0.16
C THR A 139 -16.92 -14.20 0.90
N GLN A 140 -15.89 -13.43 0.53
CA GLN A 140 -14.58 -13.49 1.16
C GLN A 140 -13.96 -12.12 1.44
N GLY A 141 -14.63 -11.02 1.11
CA GLY A 141 -14.00 -9.73 1.13
C GLY A 141 -14.02 -8.94 2.43
N MET A 142 -14.44 -9.55 3.54
CA MET A 142 -14.26 -8.91 4.85
C MET A 142 -12.83 -9.22 5.34
N ILE A 143 -11.84 -8.71 4.61
CA ILE A 143 -10.47 -8.94 4.91
C ILE A 143 -9.64 -7.82 4.30
N HIS A 144 -8.54 -7.50 4.96
CA HIS A 144 -7.52 -6.64 4.39
C HIS A 144 -6.16 -7.04 4.94
N ASN A 145 -5.09 -6.56 4.30
CA ASN A 145 -3.74 -6.97 4.62
C ASN A 145 -2.83 -5.79 4.42
N MET A 146 -2.24 -5.35 5.52
CA MET A 146 -1.44 -4.14 5.52
C MET A 146 -0.14 -4.35 6.28
N GLU A 147 0.85 -3.52 5.92
CA GLU A 147 2.11 -3.39 6.67
C GLU A 147 1.90 -2.40 7.80
N TYR A 148 2.02 -2.85 9.04
CA TYR A 148 1.77 -2.00 10.22
C TYR A 148 3.06 -1.62 10.88
N VAL A 149 3.11 -0.39 11.36
CA VAL A 149 4.18 0.03 12.27
C VAL A 149 3.53 0.62 13.51
N GLY A 150 4.11 0.29 14.67
CA GLY A 150 3.64 0.78 15.93
C GLY A 150 4.52 0.30 17.04
N VAL A 151 3.92 0.13 18.21
CA VAL A 151 4.66 -0.21 19.42
C VAL A 151 4.06 -1.48 19.99
N PRO A 152 4.90 -2.46 20.40
CA PRO A 152 4.36 -3.65 21.03
C PRO A 152 3.67 -3.35 22.33
N LEU A 153 2.54 -4.01 22.60
CA LEU A 153 1.90 -3.79 23.89
C LEU A 153 2.82 -4.10 25.07
N SER A 154 3.72 -5.05 24.90
CA SER A 154 4.64 -5.41 25.99
C SER A 154 5.41 -4.21 26.50
N VAL A 155 5.85 -3.32 25.61
CA VAL A 155 6.65 -2.19 26.05
CA VAL A 155 6.65 -2.17 26.01
C VAL A 155 5.79 -1.14 26.75
N LEU A 156 4.55 -0.95 26.31
CA LEU A 156 3.65 -0.02 26.99
C LEU A 156 3.29 -0.52 28.37
N LEU A 157 3.00 -1.82 28.44
CA LEU A 157 2.59 -2.44 29.70
C LEU A 157 3.73 -2.42 30.70
N ALA A 158 4.96 -2.57 30.22
CA ALA A 158 6.16 -2.45 31.07
C ALA A 158 6.26 -1.11 31.78
N GLU A 159 5.82 -0.02 31.14
CA GLU A 159 5.83 1.29 31.77
C GLU A 159 4.94 1.29 33.00
N ALA A 160 3.78 0.64 32.91
CA ALA A 160 2.82 0.60 34.01
C ALA A 160 3.19 -0.44 35.06
N GLY A 161 3.80 -1.54 34.62
CA GLY A 161 4.21 -2.61 35.50
C GLY A 161 3.07 -3.57 35.81
N VAL A 162 2.93 -4.61 35.01
CA VAL A 162 1.83 -5.56 35.17
C VAL A 162 2.06 -6.42 36.42
N LYS A 163 1.07 -6.49 37.30
CA LYS A 163 1.18 -7.33 38.52
C LYS A 163 1.03 -8.81 38.14
N PRO A 164 1.61 -9.72 38.95
CA PRO A 164 1.50 -11.15 38.61
C PRO A 164 0.06 -11.70 38.51
N GLU A 165 -0.87 -11.09 39.22
CA GLU A 165 -2.26 -11.49 39.18
C GLU A 165 -2.96 -11.05 37.89
N GLY A 166 -2.31 -10.19 37.12
CA GLY A 166 -2.90 -9.67 35.88
C GLY A 166 -2.77 -10.63 34.72
N LYS A 167 -3.79 -11.49 34.57
CA LYS A 167 -3.78 -12.58 33.60
C LYS A 167 -4.48 -12.24 32.26
N TRP A 168 -5.30 -11.19 32.26
CA TRP A 168 -6.10 -10.79 31.11
C TRP A 168 -5.95 -9.32 30.88
N LEU A 169 -5.98 -8.94 29.60
CA LEU A 169 -6.03 -7.54 29.19
C LEU A 169 -7.33 -7.31 28.47
N TYR A 170 -8.02 -6.26 28.87
CA TYR A 170 -9.25 -5.83 28.23
C TYR A 170 -8.96 -4.55 27.46
N ALA A 171 -9.26 -4.54 26.16
CA ALA A 171 -9.01 -3.36 25.33
C ALA A 171 -10.33 -2.79 24.88
N GLU A 172 -10.49 -1.47 25.01
CA GLU A 172 -11.71 -0.82 24.51
C GLU A 172 -11.39 0.41 23.73
N GLY A 173 -12.30 0.69 22.80
CA GLY A 173 -12.20 1.80 21.90
C GLY A 173 -12.81 3.08 22.42
N ALA A 174 -12.49 4.18 21.75
CA ALA A 174 -12.99 5.51 22.10
C ALA A 174 -14.40 5.78 21.61
N ASP A 175 -14.89 4.92 20.71
CA ASP A 175 -16.22 5.03 20.13
C ASP A 175 -17.32 4.65 21.12
N ALA A 176 -18.56 5.01 20.78
CA ALA A 176 -19.72 4.67 21.60
C ALA A 176 -19.86 3.17 21.81
N SER A 177 -19.55 2.40 20.77
CA SER A 177 -19.73 0.96 20.85
C SER A 177 -18.72 0.29 21.76
N SER A 178 -17.55 0.92 21.95
CA SER A 178 -16.42 0.46 22.77
C SER A 178 -15.71 -0.78 22.22
N ASN A 179 -16.45 -1.79 21.76
CA ASN A 179 -15.84 -3.00 21.21
C ASN A 179 -14.88 -3.67 22.19
N GLY A 180 -15.23 -3.67 23.46
CA GLY A 180 -14.31 -4.21 24.45
C GLY A 180 -14.12 -5.69 24.25
N ARG A 181 -12.87 -6.14 24.31
CA ARG A 181 -12.51 -7.54 24.16
C ARG A 181 -11.41 -7.90 25.15
N SER A 182 -11.48 -9.15 25.62
CA SER A 182 -10.51 -9.72 26.56
C SER A 182 -9.47 -10.57 25.87
N PHE A 183 -8.20 -10.40 26.27
CA PHE A 183 -7.07 -11.13 25.70
C PHE A 183 -6.30 -11.83 26.81
N PRO A 184 -5.87 -13.09 26.59
CA PRO A 184 -4.93 -13.67 27.54
C PRO A 184 -3.58 -12.97 27.47
N MET A 185 -2.92 -12.82 28.61
CA MET A 185 -1.66 -12.08 28.65
C MET A 185 -0.59 -12.72 27.77
N GLU A 186 -0.61 -14.03 27.58
CA GLU A 186 0.38 -14.67 26.71
C GLU A 186 0.35 -14.14 25.27
N LYS A 187 -0.83 -13.89 24.76
CA LYS A 187 -0.95 -13.34 23.41
C LYS A 187 -0.49 -11.88 23.38
N VAL A 188 -0.96 -11.11 24.34
CA VAL A 188 -0.57 -9.72 24.47
C VAL A 188 0.94 -9.54 24.41
N MET A 189 1.64 -10.36 25.19
CA MET A 189 3.07 -10.28 25.33
C MET A 189 3.84 -10.84 24.16
N ASP A 190 3.16 -11.56 23.27
CA ASP A 190 3.77 -12.19 22.10
C ASP A 190 3.87 -11.14 20.97
N ASP A 191 2.79 -10.86 20.25
CA ASP A 191 2.87 -10.06 19.04
C ASP A 191 1.73 -9.06 18.85
N VAL A 192 1.01 -8.74 19.91
CA VAL A 192 -0.03 -7.69 19.78
C VAL A 192 0.67 -6.33 19.76
N MET A 193 0.27 -5.49 18.80
CA MET A 193 0.84 -4.18 18.59
C MET A 193 -0.24 -3.11 18.69
N LEU A 194 0.13 -1.95 19.22
CA LEU A 194 -0.61 -0.72 19.02
C LEU A 194 -0.04 -0.05 17.78
N ALA A 195 -0.81 -0.10 16.69
CA ALA A 195 -0.36 0.37 15.38
C ALA A 195 -0.81 1.78 15.13
N PHE A 196 0.08 2.59 14.57
CA PHE A 196 -0.24 3.95 14.13
C PHE A 196 -0.13 4.13 12.65
N PHE A 197 0.66 3.30 11.99
CA PHE A 197 0.86 3.40 10.54
C PHE A 197 0.41 2.12 9.88
N ALA A 198 -0.22 2.25 8.71
CA ALA A 198 -0.66 1.11 7.91
C ALA A 198 -0.37 1.45 6.46
N ASN A 199 0.41 0.60 5.82
CA ASN A 199 0.86 0.77 4.43
C ASN A 199 1.49 2.16 4.26
N GLY A 200 2.39 2.48 5.20
CA GLY A 200 3.23 3.64 5.09
C GLY A 200 2.80 4.89 5.81
N GLU A 201 1.51 5.12 5.91
CA GLU A 201 0.95 6.38 6.40
C GLU A 201 0.06 6.13 7.62
N ALA A 202 -0.48 7.19 8.18
CA ALA A 202 -1.39 7.02 9.31
C ALA A 202 -2.55 6.13 8.95
N LEU A 203 -3.07 5.41 9.93
CA LEU A 203 -4.32 4.69 9.74
C LEU A 203 -5.37 5.62 9.16
N ARG A 204 -6.23 5.09 8.29
CA ARG A 204 -7.39 5.84 7.83
C ARG A 204 -8.38 6.00 8.99
N LYS A 205 -9.21 7.04 8.89
CA LYS A 205 -10.22 7.31 9.91
C LYS A 205 -11.00 6.06 10.26
N GLU A 206 -11.48 5.39 9.21
CA GLU A 206 -12.35 4.25 9.34
C GLU A 206 -11.65 2.99 9.81
N HIS A 207 -10.31 3.01 9.82
CA HIS A 207 -9.48 1.91 10.29
C HIS A 207 -8.86 2.19 11.65
N GLY A 208 -9.33 3.22 12.34
CA GLY A 208 -8.96 3.43 13.74
C GLY A 208 -8.06 4.61 14.06
N TYR A 209 -7.88 5.53 13.13
CA TYR A 209 -6.98 6.68 13.36
C TYR A 209 -7.25 7.32 14.69
N PRO A 210 -6.20 7.57 15.48
CA PRO A 210 -4.79 7.45 15.18
C PRO A 210 -4.10 6.17 15.70
N ALA A 211 -4.82 5.25 16.31
CA ALA A 211 -4.22 4.06 16.87
C ALA A 211 -5.21 2.92 16.98
N ARG A 212 -4.79 1.73 16.56
CA ARG A 212 -5.59 0.51 16.68
C ARG A 212 -4.72 -0.63 17.20
N LEU A 213 -5.37 -1.68 17.71
CA LEU A 213 -4.67 -2.93 17.91
C LEU A 213 -4.58 -3.74 16.63
N VAL A 214 -3.42 -4.37 16.48
CA VAL A 214 -3.12 -5.36 15.44
C VAL A 214 -2.84 -6.65 16.20
N VAL A 215 -3.63 -7.70 15.90
CA VAL A 215 -3.64 -8.97 16.67
C VAL A 215 -3.40 -10.12 15.69
N PRO A 216 -2.14 -10.39 15.36
CA PRO A 216 -1.87 -11.27 14.23
C PRO A 216 -2.52 -12.64 14.34
N GLY A 217 -3.26 -12.98 13.29
CA GLY A 217 -3.89 -14.28 13.18
C GLY A 217 -5.23 -14.41 13.86
N TRP A 218 -5.65 -13.40 14.62
CA TRP A 218 -6.86 -13.47 15.43
C TRP A 218 -8.00 -12.67 14.78
N GLU A 219 -9.22 -13.07 15.08
CA GLU A 219 -10.41 -12.54 14.46
C GLU A 219 -10.45 -11.04 14.53
N GLY A 220 -10.95 -10.44 13.44
CA GLY A 220 -10.90 -9.00 13.28
C GLY A 220 -11.54 -8.22 14.42
N ASN A 221 -12.59 -8.76 15.03
CA ASN A 221 -13.21 -8.03 16.13
C ASN A 221 -12.23 -7.64 17.22
N MET A 222 -11.16 -8.40 17.40
CA MET A 222 -10.24 -8.12 18.47
CA MET A 222 -10.17 -8.19 18.44
C MET A 222 -9.28 -6.99 18.11
N TRP A 223 -9.28 -6.57 16.84
CA TRP A 223 -8.39 -5.50 16.38
C TRP A 223 -9.04 -4.15 16.74
N VAL A 224 -9.11 -3.87 18.04
CA VAL A 224 -9.85 -2.73 18.56
C VAL A 224 -9.30 -1.43 17.92
N LYS A 225 -10.20 -0.65 17.33
CA LYS A 225 -9.88 0.61 16.69
C LYS A 225 -10.08 1.78 17.64
N TRP A 226 -9.37 2.87 17.37
CA TRP A 226 -9.45 4.08 18.20
C TRP A 226 -9.22 3.71 19.65
N VAL A 227 -8.21 2.87 19.91
CA VAL A 227 -8.06 2.25 21.21
CA VAL A 227 -8.07 2.25 21.21
C VAL A 227 -7.81 3.29 22.30
N ARG A 228 -8.61 3.25 23.35
CA ARG A 228 -8.50 4.23 24.43
C ARG A 228 -8.04 3.69 25.78
N ARG A 229 -8.22 2.40 26.01
CA ARG A 229 -7.91 1.86 27.33
C ARG A 229 -7.52 0.40 27.26
N LEU A 230 -6.48 0.06 28.00
CA LEU A 230 -5.99 -1.30 28.24
C LEU A 230 -6.13 -1.55 29.75
N GLY A 231 -7.08 -2.37 30.12
CA GLY A 231 -7.33 -2.71 31.53
C GLY A 231 -6.78 -4.07 31.82
N ILE A 232 -6.08 -4.21 32.94
CA ILE A 232 -5.50 -5.50 33.31
C ILE A 232 -6.33 -6.08 34.45
N TYR A 233 -6.88 -7.26 34.22
CA TYR A 233 -7.79 -7.92 35.16
C TYR A 233 -7.30 -9.35 35.45
N ASP A 234 -7.90 -9.95 36.47
CA ASP A 234 -7.54 -11.31 36.86
C ASP A 234 -8.35 -12.38 36.16
N LYS A 235 -9.33 -11.95 35.37
CA LYS A 235 -10.22 -12.83 34.62
C LYS A 235 -10.75 -12.10 33.40
N ALA A 236 -11.32 -12.84 32.45
CA ALA A 236 -11.90 -12.25 31.27
C ALA A 236 -13.09 -11.40 31.67
N VAL A 237 -13.33 -10.31 30.97
CA VAL A 237 -14.47 -9.48 31.28
C VAL A 237 -15.79 -10.15 30.85
N GLU A 238 -15.75 -10.90 29.75
CA GLU A 238 -16.95 -11.53 29.14
CA GLU A 238 -16.94 -11.55 29.17
C GLU A 238 -17.92 -10.45 28.74
N SER A 239 -17.39 -9.55 27.93
CA SER A 239 -18.12 -8.44 27.37
C SER A 239 -19.10 -8.87 26.27
N ARG A 240 -19.91 -7.94 25.82
CA ARG A 240 -20.93 -8.23 24.80
C ARG A 240 -20.33 -8.87 23.55
N GLU A 241 -19.19 -8.34 23.14
CA GLU A 241 -18.53 -8.83 21.93
C GLU A 241 -17.74 -10.11 22.09
N GLU A 242 -17.92 -10.79 23.22
CA GLU A 242 -17.37 -12.12 23.38
C GLU A 242 -18.32 -13.06 24.09
N THR A 243 -19.59 -12.67 24.17
CA THR A 243 -20.65 -13.49 24.79
C THR A 243 -21.83 -13.55 23.81
N SER A 244 -22.56 -12.46 23.68
CA SER A 244 -23.61 -12.37 22.70
C SER A 244 -23.09 -12.60 21.29
N LYS A 245 -21.97 -11.96 20.97
CA LYS A 245 -21.35 -12.01 19.66
C LYS A 245 -19.99 -12.68 19.77
N TYR A 246 -19.50 -13.15 18.62
CA TYR A 246 -18.20 -13.83 18.50
C TYR A 246 -18.13 -15.03 19.44
N THR A 247 -19.28 -15.70 19.54
CA THR A 247 -19.42 -17.03 20.11
C THR A 247 -20.15 -17.84 19.08
N ASP A 248 -19.86 -19.13 19.02
CA ASP A 248 -20.12 -19.94 17.82
C ASP A 248 -21.02 -21.13 18.22
N LEU A 249 -22.31 -21.05 17.89
CA LEU A 249 -23.30 -22.00 18.35
C LEU A 249 -23.08 -23.34 17.65
N MET A 250 -23.10 -24.42 18.45
CA MET A 250 -22.81 -25.79 18.01
C MET A 250 -24.08 -26.63 18.00
N PRO A 251 -24.04 -27.85 17.43
CA PRO A 251 -25.26 -28.65 17.25
C PRO A 251 -26.02 -28.97 18.52
N ASP A 252 -25.33 -29.09 19.64
CA ASP A 252 -25.99 -29.42 20.92
C ASP A 252 -26.63 -28.24 21.62
N GLY A 253 -26.48 -27.03 21.07
CA GLY A 253 -27.05 -25.85 21.69
C GLY A 253 -26.11 -25.15 22.64
N ARG A 254 -24.93 -25.73 22.87
CA ARG A 254 -23.85 -25.04 23.52
C ARG A 254 -23.08 -24.26 22.46
N ALA A 255 -22.24 -23.32 22.88
CA ALA A 255 -21.48 -22.48 21.95
C ALA A 255 -20.02 -22.42 22.34
N ARG A 256 -19.13 -22.43 21.37
CA ARG A 256 -17.74 -22.11 21.63
C ARG A 256 -17.59 -20.62 21.94
N LYS A 257 -16.77 -20.32 22.95
CA LYS A 257 -16.35 -18.96 23.17
C LYS A 257 -14.85 -18.87 22.95
N TRP A 258 -14.36 -17.64 22.80
CA TRP A 258 -12.93 -17.37 22.75
C TRP A 258 -12.34 -18.14 21.56
N THR A 259 -13.04 -18.15 20.40
CA THR A 259 -12.49 -18.72 19.18
C THR A 259 -11.72 -17.57 18.56
N TRP A 260 -10.50 -17.42 19.02
CA TRP A 260 -9.70 -16.27 18.65
C TRP A 260 -9.04 -16.45 17.28
N VAL A 261 -8.41 -17.58 17.03
CA VAL A 261 -7.61 -17.74 15.82
CA VAL A 261 -7.61 -17.80 15.84
C VAL A 261 -8.47 -17.98 14.59
N MET A 262 -8.02 -17.41 13.48
CA MET A 262 -8.60 -17.62 12.17
C MET A 262 -7.82 -18.76 11.47
N ASP A 263 -8.53 -19.80 11.04
CA ASP A 263 -7.87 -20.97 10.48
C ASP A 263 -7.54 -20.80 8.98
N ALA A 264 -6.68 -21.69 8.48
CA ALA A 264 -6.22 -21.62 7.09
C ALA A 264 -7.37 -21.58 6.12
N LYS A 265 -7.24 -20.70 5.13
CA LYS A 265 -8.32 -20.40 4.24
C LYS A 265 -7.74 -19.95 2.90
N SER A 266 -8.55 -20.02 1.86
CA SER A 266 -8.16 -19.53 0.54
C SER A 266 -9.37 -19.26 -0.30
N VAL A 267 -9.16 -18.49 -1.35
CA VAL A 267 -10.17 -18.24 -2.36
C VAL A 267 -9.50 -17.88 -3.67
N ILE A 268 -10.03 -18.43 -4.76
CA ILE A 268 -9.67 -18.03 -6.12
C ILE A 268 -10.38 -16.71 -6.43
N THR A 269 -9.60 -15.66 -6.68
CA THR A 269 -10.16 -14.35 -6.97
C THR A 269 -10.43 -14.14 -8.44
N SER A 270 -9.75 -14.89 -9.30
CA SER A 270 -10.11 -14.91 -10.70
CA SER A 270 -9.98 -14.83 -10.76
C SER A 270 -9.67 -16.21 -11.36
N PRO A 271 -10.56 -16.77 -12.19
CA PRO A 271 -11.95 -16.40 -12.46
C PRO A 271 -12.79 -16.43 -11.19
N SER A 272 -13.84 -15.62 -11.17
CA SER A 272 -14.79 -15.59 -10.07
C SER A 272 -16.05 -14.92 -10.62
N PRO A 273 -17.16 -14.87 -9.86
CA PRO A 273 -18.37 -14.34 -10.47
C PRO A 273 -18.30 -12.92 -11.04
N GLN A 274 -17.53 -12.04 -10.40
CA GLN A 274 -17.32 -10.68 -10.89
C GLN A 274 -16.23 -10.59 -11.94
N VAL A 275 -15.53 -11.68 -12.23
CA VAL A 275 -14.42 -11.72 -13.16
C VAL A 275 -14.64 -12.89 -14.14
N PRO A 276 -15.64 -12.74 -15.01
CA PRO A 276 -15.89 -13.78 -16.03
C PRO A 276 -14.77 -13.90 -17.03
N ILE A 277 -14.68 -15.07 -17.67
CA ILE A 277 -13.73 -15.28 -18.74
C ILE A 277 -14.37 -14.78 -20.03
N ARG A 278 -13.93 -13.65 -20.54
CA ARG A 278 -14.50 -13.08 -21.78
C ARG A 278 -13.59 -13.27 -22.97
N HIS A 279 -12.39 -13.79 -22.75
CA HIS A 279 -11.39 -13.82 -23.81
C HIS A 279 -11.29 -15.11 -24.59
N GLY A 280 -12.17 -16.07 -24.29
CA GLY A 280 -12.22 -17.29 -25.07
C GLY A 280 -11.29 -18.36 -24.57
N LYS A 281 -11.11 -19.40 -25.38
CA LYS A 281 -10.29 -20.54 -25.03
C LYS A 281 -8.80 -20.18 -25.04
N GLY A 282 -7.99 -20.97 -24.35
CA GLY A 282 -6.54 -20.83 -24.37
C GLY A 282 -6.00 -20.47 -23.00
N PRO A 283 -4.81 -19.87 -22.95
CA PRO A 283 -4.19 -19.50 -21.67
C PRO A 283 -5.11 -18.73 -20.73
N LEU A 284 -5.11 -19.15 -19.48
CA LEU A 284 -5.95 -18.57 -18.44
C LEU A 284 -5.16 -18.56 -17.16
N VAL A 285 -5.11 -17.39 -16.50
CA VAL A 285 -4.51 -17.27 -15.18
C VAL A 285 -5.56 -17.53 -14.10
N ILE A 286 -5.29 -18.50 -13.24
CA ILE A 286 -6.03 -18.68 -12.00
C ILE A 286 -5.22 -17.99 -10.91
N SER A 287 -5.83 -17.00 -10.26
CA SER A 287 -5.16 -16.22 -9.21
C SER A 287 -5.99 -16.30 -7.93
N GLY A 288 -5.31 -16.31 -6.78
CA GLY A 288 -6.06 -16.21 -5.56
C GLY A 288 -5.23 -15.91 -4.34
N LEU A 289 -5.94 -15.90 -3.22
CA LEU A 289 -5.37 -15.57 -1.93
C LEU A 289 -5.50 -16.75 -0.95
N ALA A 290 -4.47 -16.94 -0.14
CA ALA A 290 -4.49 -17.94 0.94
C ALA A 290 -3.89 -17.28 2.18
N TRP A 291 -4.31 -17.73 3.36
CA TRP A 291 -3.85 -17.12 4.60
C TRP A 291 -4.17 -18.06 5.77
N SER A 292 -3.48 -17.91 6.88
CA SER A 292 -3.75 -18.67 8.07
C SER A 292 -3.33 -17.92 9.32
N GLY A 293 -4.19 -17.94 10.34
CA GLY A 293 -3.84 -17.40 11.62
C GLY A 293 -2.89 -18.27 12.41
N ASN A 294 -2.67 -19.50 11.95
CA ASN A 294 -1.79 -20.44 12.63
C ASN A 294 -0.37 -20.49 12.06
N GLY A 295 -0.03 -19.55 11.19
CA GLY A 295 1.34 -19.40 10.71
C GLY A 295 1.43 -19.12 9.24
N ARG A 296 2.50 -19.61 8.61
CA ARG A 296 2.69 -19.44 7.20
C ARG A 296 1.91 -20.46 6.39
N ILE A 297 1.43 -20.02 5.23
CA ILE A 297 0.95 -20.93 4.20
C ILE A 297 2.16 -21.66 3.61
N THR A 298 2.05 -22.97 3.46
CA THR A 298 3.12 -23.76 2.86
C THR A 298 2.80 -24.16 1.44
N ARG A 299 1.52 -24.37 1.12
CA ARG A 299 1.10 -24.59 -0.24
C ARG A 299 -0.37 -24.35 -0.45
N VAL A 300 -0.73 -24.17 -1.71
CA VAL A 300 -2.11 -24.11 -2.12
C VAL A 300 -2.33 -25.07 -3.27
N ASP A 301 -3.31 -25.94 -3.13
CA ASP A 301 -3.71 -26.85 -4.21
C ASP A 301 -4.95 -26.28 -4.90
N VAL A 302 -5.04 -26.47 -6.21
CA VAL A 302 -6.15 -26.02 -7.02
C VAL A 302 -6.76 -27.21 -7.75
N SER A 303 -8.09 -27.29 -7.76
CA SER A 303 -8.81 -28.28 -8.54
C SER A 303 -9.64 -27.60 -9.60
N LEU A 304 -9.71 -28.22 -10.79
CA LEU A 304 -10.60 -27.77 -11.84
C LEU A 304 -11.87 -28.60 -11.94
N ASP A 305 -11.96 -29.67 -11.14
CA ASP A 305 -13.02 -30.66 -11.29
C ASP A 305 -13.73 -30.95 -9.99
N GLY A 306 -13.85 -29.94 -9.13
CA GLY A 306 -14.65 -30.05 -7.91
C GLY A 306 -14.06 -30.90 -6.81
N GLY A 307 -12.74 -31.10 -6.84
CA GLY A 307 -12.03 -31.83 -5.82
C GLY A 307 -11.73 -33.28 -6.13
N LYS A 308 -11.99 -33.71 -7.35
CA LYS A 308 -11.60 -35.07 -7.76
C LYS A 308 -10.08 -35.16 -7.94
N ASN A 309 -9.49 -34.08 -8.43
CA ASN A 309 -8.06 -34.04 -8.68
C ASN A 309 -7.50 -32.65 -8.40
N TRP A 310 -6.31 -32.65 -7.81
CA TRP A 310 -5.67 -31.42 -7.37
C TRP A 310 -4.30 -31.26 -7.99
N THR A 311 -3.93 -30.00 -8.23
CA THR A 311 -2.60 -29.60 -8.72
C THR A 311 -2.08 -28.51 -7.79
N THR A 312 -0.85 -28.65 -7.33
CA THR A 312 -0.25 -27.65 -6.47
C THR A 312 0.05 -26.40 -7.30
N ALA A 313 -0.46 -25.27 -6.84
CA ALA A 313 -0.24 -23.96 -7.46
C ALA A 313 1.12 -23.46 -7.00
N ARG A 314 1.54 -22.32 -7.54
CA ARG A 314 2.77 -21.67 -7.02
C ARG A 314 2.41 -20.48 -6.16
N ILE A 315 3.22 -20.24 -5.14
CA ILE A 315 3.17 -19.04 -4.32
CA ILE A 315 3.10 -19.03 -4.35
C ILE A 315 3.94 -17.96 -5.06
N THR A 316 3.28 -16.84 -5.30
CA THR A 316 3.89 -15.67 -5.95
C THR A 316 4.23 -14.67 -4.87
N GLY A 317 5.52 -14.51 -4.62
CA GLY A 317 6.00 -13.67 -3.52
C GLY A 317 6.31 -14.53 -2.33
N GLN A 318 6.20 -13.96 -1.15
CA GLN A 318 6.49 -14.65 0.09
C GLN A 318 5.21 -15.17 0.73
N ALA A 319 5.39 -16.17 1.58
CA ALA A 319 4.36 -16.64 2.50
C ALA A 319 4.75 -16.25 3.90
N LEU A 320 4.37 -15.03 4.28
CA LEU A 320 4.71 -14.51 5.60
C LEU A 320 3.73 -15.02 6.66
N PRO A 321 4.16 -15.07 7.94
CA PRO A 321 3.25 -15.62 8.93
C PRO A 321 1.99 -14.75 9.13
N LYS A 322 0.83 -15.39 9.12
CA LYS A 322 -0.40 -14.72 9.48
C LYS A 322 -0.67 -13.52 8.56
N ALA A 323 -0.42 -13.71 7.26
CA ALA A 323 -0.54 -12.67 6.24
C ALA A 323 -1.08 -13.26 4.95
N LEU A 324 -1.76 -12.43 4.18
CA LEU A 324 -2.22 -12.85 2.88
C LEU A 324 -1.07 -13.28 2.01
N THR A 325 -1.34 -14.31 1.22
CA THR A 325 -0.38 -14.96 0.35
C THR A 325 -1.04 -15.17 -1.01
N ARG A 326 -0.35 -14.76 -2.07
CA ARG A 326 -0.87 -14.85 -3.43
C ARG A 326 -0.43 -16.15 -4.06
N PHE A 327 -1.36 -16.84 -4.72
CA PHE A 327 -1.03 -18.02 -5.50
C PHE A 327 -1.53 -17.92 -6.92
N HIS A 328 -0.86 -18.64 -7.82
CA HIS A 328 -1.22 -18.68 -9.23
C HIS A 328 -1.12 -20.08 -9.77
N LEU A 329 -2.00 -20.39 -10.71
CA LEU A 329 -1.89 -21.59 -11.53
C LEU A 329 -2.30 -21.19 -12.93
N ASP A 330 -1.40 -21.42 -13.89
CA ASP A 330 -1.68 -21.13 -15.28
C ASP A 330 -2.17 -22.37 -15.96
N ILE A 331 -3.32 -22.25 -16.63
CA ILE A 331 -3.86 -23.40 -17.40
C ILE A 331 -4.16 -23.02 -18.85
N ASP A 332 -4.47 -24.04 -19.65
CA ASP A 332 -4.91 -23.85 -21.02
C ASP A 332 -6.38 -24.27 -21.05
N TRP A 333 -7.30 -23.30 -21.05
CA TRP A 333 -8.74 -23.61 -20.97
C TRP A 333 -9.29 -24.03 -22.33
N ASP A 334 -9.81 -25.26 -22.38
CA ASP A 334 -10.39 -25.80 -23.62
C ASP A 334 -11.88 -25.43 -23.81
N GLY A 335 -12.42 -24.59 -22.93
CA GLY A 335 -13.79 -24.14 -23.07
C GLY A 335 -14.79 -25.04 -22.35
N SER A 336 -14.33 -26.08 -21.68
CA SER A 336 -15.22 -26.95 -20.91
C SER A 336 -15.61 -26.33 -19.59
N GLU A 337 -16.75 -26.75 -19.07
CA GLU A 337 -17.16 -26.34 -17.76
C GLU A 337 -16.13 -26.79 -16.73
N MET A 338 -15.94 -26.00 -15.67
CA MET A 338 -15.03 -26.37 -14.60
C MET A 338 -15.69 -26.12 -13.27
N LEU A 339 -15.23 -26.84 -12.25
CA LEU A 339 -15.58 -26.57 -10.87
C LEU A 339 -14.29 -26.25 -10.15
N LEU A 340 -14.01 -24.96 -10.02
CA LEU A 340 -12.74 -24.51 -9.47
C LEU A 340 -12.79 -24.50 -7.96
N GLN A 341 -11.72 -24.99 -7.33
CA GLN A 341 -11.56 -24.93 -5.89
C GLN A 341 -10.09 -24.68 -5.56
N SER A 342 -9.85 -24.05 -4.41
CA SER A 342 -8.53 -23.93 -3.87
C SER A 342 -8.54 -24.45 -2.43
N ARG A 343 -7.42 -25.02 -2.03
CA ARG A 343 -7.28 -25.63 -0.70
C ARG A 343 -5.92 -25.26 -0.12
N ALA A 344 -5.93 -24.45 0.95
CA ALA A 344 -4.69 -24.02 1.60
C ALA A 344 -4.16 -25.04 2.61
N VAL A 345 -2.85 -25.08 2.76
CA VAL A 345 -2.17 -25.87 3.77
C VAL A 345 -1.23 -24.92 4.50
N ASP A 346 -1.23 -24.97 5.83
CA ASP A 346 -0.32 -24.14 6.59
C ASP A 346 0.80 -24.97 7.25
N GLU A 347 1.74 -24.26 7.88
CA GLU A 347 2.93 -24.91 8.42
C GLU A 347 2.66 -25.88 9.56
N THR A 348 1.48 -25.82 10.14
CA THR A 348 1.11 -26.79 11.17
C THR A 348 0.64 -28.12 10.57
N GLY A 349 0.47 -28.17 9.25
CA GLY A 349 -0.05 -29.34 8.56
C GLY A 349 -1.55 -29.29 8.33
N TYR A 350 -2.22 -28.29 8.90
CA TYR A 350 -3.64 -28.07 8.70
C TYR A 350 -3.96 -27.82 7.23
N VAL A 351 -4.95 -28.56 6.74
CA VAL A 351 -5.46 -28.49 5.39
C VAL A 351 -6.87 -27.91 5.44
N GLN A 352 -7.07 -26.81 4.72
CA GLN A 352 -8.38 -26.18 4.63
C GLN A 352 -9.47 -27.21 4.35
N PRO A 353 -10.53 -27.24 5.19
CA PRO A 353 -11.59 -28.21 5.03
C PRO A 353 -12.66 -27.79 4.03
N THR A 354 -13.44 -28.75 3.56
CA THR A 354 -14.66 -28.43 2.83
C THR A 354 -15.72 -27.85 3.76
N LYS A 355 -16.68 -27.17 3.17
CA LYS A 355 -17.86 -26.67 3.91
CA LYS A 355 -17.82 -26.68 3.95
C LYS A 355 -18.57 -27.84 4.58
N ASP A 356 -18.74 -28.93 3.86
CA ASP A 356 -19.40 -30.09 4.41
C ASP A 356 -18.63 -30.70 5.58
N ALA A 357 -17.30 -30.72 5.51
CA ALA A 357 -16.50 -31.24 6.64
C ALA A 357 -16.69 -30.37 7.88
N LEU A 358 -16.74 -29.07 7.68
CA LEU A 358 -17.01 -28.15 8.79
C LEU A 358 -18.40 -28.35 9.39
N ARG A 359 -19.41 -28.41 8.53
CA ARG A 359 -20.80 -28.56 8.98
C ARG A 359 -21.06 -29.92 9.65
N ALA A 360 -20.30 -30.95 9.30
CA ALA A 360 -20.44 -32.25 9.95
C ALA A 360 -20.13 -32.15 11.44
N ILE A 361 -19.23 -31.24 11.80
CA ILE A 361 -18.83 -31.02 13.19
C ILE A 361 -19.64 -29.91 13.86
N ARG A 362 -19.85 -28.82 13.14
CA ARG A 362 -20.42 -27.61 13.75
C ARG A 362 -21.88 -27.35 13.47
N GLY A 363 -22.49 -28.09 12.56
CA GLY A 363 -23.81 -27.75 12.11
C GLY A 363 -23.78 -26.48 11.30
N ARG A 364 -24.91 -25.79 11.28
CA ARG A 364 -25.19 -24.73 10.32
C ARG A 364 -25.25 -23.34 10.96
N ASN A 365 -25.23 -23.26 12.29
CA ASN A 365 -25.49 -22.00 12.99
C ASN A 365 -24.28 -21.40 13.71
N ASN A 366 -23.09 -21.71 13.24
CA ASN A 366 -21.86 -21.18 13.83
C ASN A 366 -21.70 -19.68 13.67
N VAL A 367 -22.23 -19.14 12.57
CA VAL A 367 -22.17 -17.70 12.21
C VAL A 367 -20.76 -17.25 11.75
N TYR A 368 -19.74 -17.66 12.50
CA TYR A 368 -18.39 -17.16 12.35
C TYR A 368 -17.48 -18.32 11.86
N HIS A 369 -16.24 -17.98 11.53
CA HIS A 369 -15.19 -18.96 11.27
C HIS A 369 -15.49 -19.93 10.13
N ASN A 370 -16.14 -19.44 9.07
CA ASN A 370 -16.32 -20.24 7.87
C ASN A 370 -15.10 -20.17 6.96
N ASN A 371 -14.22 -21.15 7.12
CA ASN A 371 -13.06 -21.25 6.25
C ASN A 371 -13.20 -22.37 5.20
N GLY A 372 -14.42 -22.81 4.93
CA GLY A 372 -14.64 -23.89 3.98
C GLY A 372 -14.19 -23.56 2.56
N ILE A 373 -13.78 -24.60 1.84
CA ILE A 373 -13.37 -24.48 0.44
C ILE A 373 -14.50 -23.91 -0.38
N GLN A 374 -14.18 -22.89 -1.15
CA GLN A 374 -15.09 -22.24 -2.08
C GLN A 374 -15.03 -22.91 -3.45
N THR A 375 -16.17 -23.11 -4.09
CA THR A 375 -16.27 -23.66 -5.42
C THR A 375 -16.81 -22.61 -6.37
N TRP A 376 -16.17 -22.47 -7.53
CA TRP A 376 -16.72 -21.68 -8.62
C TRP A 376 -17.10 -22.60 -9.79
N TRP A 377 -18.33 -22.46 -10.25
CA TRP A 377 -18.75 -23.12 -11.49
C TRP A 377 -18.46 -22.21 -12.67
N VAL A 378 -17.49 -22.61 -13.49
CA VAL A 378 -17.18 -21.90 -14.73
C VAL A 378 -17.97 -22.57 -15.84
N LYS A 379 -18.83 -21.80 -16.47
CA LYS A 379 -19.71 -22.30 -17.52
C LYS A 379 -19.05 -22.15 -18.89
N ALA A 380 -19.64 -22.78 -19.91
CA ALA A 380 -19.11 -22.75 -21.26
C ALA A 380 -19.04 -21.36 -21.89
N ASP A 381 -19.88 -20.45 -21.42
CA ASP A 381 -19.85 -19.05 -21.88
C ASP A 381 -18.86 -18.18 -21.13
N GLY A 382 -18.09 -18.77 -20.20
CA GLY A 382 -17.12 -18.04 -19.39
C GLY A 382 -17.68 -17.35 -18.16
N GLU A 383 -18.99 -17.43 -17.99
CA GLU A 383 -19.59 -16.86 -16.78
C GLU A 383 -19.30 -17.79 -15.60
N VAL A 384 -19.29 -17.24 -14.39
CA VAL A 384 -18.77 -17.97 -13.23
C VAL A 384 -19.77 -17.81 -12.09
N GLU A 385 -20.10 -18.92 -11.42
CA GLU A 385 -21.08 -18.90 -10.33
C GLU A 385 -20.53 -19.43 -9.02
N ASN A 386 -21.03 -18.84 -7.93
CA ASN A 386 -20.92 -19.37 -6.60
C ASN A 386 -21.91 -20.52 -6.45
N VAL A 387 -21.40 -21.72 -6.22
CA VAL A 387 -22.20 -22.93 -6.03
C VAL A 387 -21.71 -23.71 -4.84
N GLU A 388 -22.55 -24.59 -4.31
CA GLU A 388 -22.11 -25.74 -3.50
C GLU A 388 -22.23 -26.97 -4.36
N ILE A 389 -21.38 -27.94 -4.09
CA ILE A 389 -21.44 -29.23 -4.74
C ILE A 389 -21.40 -30.32 -3.66
N ALA A 390 -22.01 -31.46 -3.98
CA ALA A 390 -22.05 -32.60 -3.05
C ALA A 390 -22.29 -33.90 -3.80
N LYS B 2 12.31 1.02 32.44
CA LYS B 2 11.23 1.98 32.06
C LYS B 2 11.83 3.19 31.34
N LEU B 3 11.07 3.70 30.38
CA LEU B 3 11.46 4.88 29.61
C LEU B 3 11.08 6.19 30.24
N GLY B 4 10.10 6.17 31.15
CA GLY B 4 9.66 7.38 31.81
C GLY B 4 8.72 8.19 30.94
N LEU B 5 7.88 7.49 30.17
CA LEU B 5 6.87 8.11 29.32
C LEU B 5 5.49 7.93 29.94
N GLY B 6 4.62 8.90 29.71
CA GLY B 6 3.28 8.90 30.27
C GLY B 6 3.28 9.54 31.64
N ARG B 7 2.08 9.67 32.19
CA ARG B 7 1.92 10.16 33.56
C ARG B 7 0.85 9.37 34.29
N GLU B 8 0.85 9.46 35.61
CA GLU B 8 -0.07 8.68 36.42
C GLU B 8 -1.51 9.11 36.19
N ALA B 9 -2.35 8.11 35.94
CA ALA B 9 -3.77 8.32 35.81
C ALA B 9 -4.36 8.68 37.18
N LEU B 10 -5.26 9.67 37.21
CA LEU B 10 -5.95 10.10 38.44
C LEU B 10 -7.21 9.30 38.67
N PRO B 11 -7.64 9.19 39.94
CA PRO B 11 -8.82 8.38 40.21
C PRO B 11 -10.07 8.80 39.43
N GLU B 12 -10.29 10.11 39.28
CA GLU B 12 -11.44 10.63 38.52
C GLU B 12 -11.37 10.15 37.09
N GLU B 13 -10.16 10.06 36.55
CA GLU B 13 -9.97 9.63 35.18
C GLU B 13 -10.24 8.14 35.02
N ILE B 14 -9.69 7.33 35.91
CA ILE B 14 -9.94 5.89 35.90
C ILE B 14 -11.43 5.63 36.05
N SER B 15 -12.09 6.32 37.00
CA SER B 15 -13.52 6.13 37.21
C SER B 15 -14.33 6.49 35.96
N ALA B 16 -13.91 7.52 35.24
CA ALA B 16 -14.66 7.97 34.05
C ALA B 16 -14.65 6.94 32.93
N TRP B 17 -13.50 6.29 32.73
CA TRP B 17 -13.31 5.38 31.59
C TRP B 17 -13.43 3.91 31.90
N ASP B 18 -13.09 3.49 33.11
CA ASP B 18 -13.22 2.06 33.45
C ASP B 18 -14.55 1.81 34.10
N THR B 19 -15.53 1.45 33.28
CA THR B 19 -16.86 1.08 33.76
C THR B 19 -17.19 -0.39 33.46
N ALA B 20 -16.18 -1.19 33.15
CA ALA B 20 -16.38 -2.59 32.87
C ALA B 20 -16.88 -3.32 34.10
N VAL B 21 -17.74 -4.30 33.89
CA VAL B 21 -18.24 -5.15 34.95
C VAL B 21 -17.94 -6.59 34.58
N LEU B 22 -17.23 -7.28 35.46
CA LEU B 22 -16.90 -8.67 35.23
C LEU B 22 -17.98 -9.59 35.81
N PRO B 23 -18.02 -10.87 35.40
CA PRO B 23 -19.15 -11.74 35.79
C PRO B 23 -19.32 -11.92 37.29
N ASP B 24 -18.24 -11.78 38.04
CA ASP B 24 -18.27 -11.88 39.50
C ASP B 24 -18.66 -10.57 40.20
N GLY B 25 -19.03 -9.54 39.44
CA GLY B 25 -19.44 -8.26 40.00
C GLY B 25 -18.35 -7.24 40.22
N GLN B 26 -17.09 -7.58 39.95
CA GLN B 26 -16.04 -6.56 39.97
C GLN B 26 -16.46 -5.46 39.00
N GLY B 27 -16.40 -4.21 39.45
CA GLY B 27 -16.75 -3.06 38.61
C GLY B 27 -18.13 -2.49 38.87
N LEU B 28 -18.99 -3.24 39.57
CA LEU B 28 -20.30 -2.70 39.99
C LEU B 28 -20.15 -1.53 40.92
N ARG B 29 -20.98 -0.53 40.75
CA ARG B 29 -20.98 0.63 41.62
C ARG B 29 -22.24 0.69 42.47
N PRO B 30 -22.19 1.37 43.63
CA PRO B 30 -23.36 1.39 44.50
C PRO B 30 -24.58 2.01 43.83
N GLY B 31 -25.72 1.35 43.99
CA GLY B 31 -26.94 1.80 43.36
C GLY B 31 -28.03 0.77 43.34
N SER B 32 -29.18 1.15 42.80
CA SER B 32 -30.32 0.24 42.74
CA SER B 32 -30.39 0.33 42.86
C SER B 32 -31.35 0.72 41.75
N GLY B 33 -32.20 -0.21 41.33
CA GLY B 33 -33.29 0.09 40.43
C GLY B 33 -34.32 -1.00 40.38
N ASP B 34 -35.60 -0.64 40.25
CA ASP B 34 -36.64 -1.66 40.21
C ASP B 34 -37.23 -1.78 38.83
N VAL B 35 -37.99 -2.85 38.66
CA VAL B 35 -38.62 -3.14 37.40
C VAL B 35 -39.47 -1.99 36.87
N ALA B 36 -40.32 -1.41 37.72
CA ALA B 36 -41.24 -0.36 37.29
C ALA B 36 -40.49 0.87 36.82
N THR B 37 -39.44 1.24 37.53
CA THR B 37 -38.59 2.34 37.09
C THR B 37 -37.92 2.01 35.76
N GLY B 38 -37.45 0.77 35.63
CA GLY B 38 -36.83 0.35 34.38
C GLY B 38 -37.78 0.39 33.20
N ASP B 39 -39.05 0.01 33.41
CA ASP B 39 -40.06 0.03 32.36
C ASP B 39 -40.21 1.45 31.86
N ALA B 40 -40.31 2.40 32.78
CA ALA B 40 -40.46 3.80 32.40
C ALA B 40 -39.23 4.33 31.64
N LEU B 41 -38.04 4.00 32.12
CA LEU B 41 -36.83 4.38 31.40
C LEU B 41 -36.78 3.75 30.02
N PHE B 42 -37.18 2.48 29.94
CA PHE B 42 -37.15 1.75 28.68
C PHE B 42 -38.12 2.41 27.67
N ALA B 43 -39.30 2.78 28.15
CA ALA B 43 -40.29 3.45 27.34
C ALA B 43 -39.72 4.73 26.72
N ASP B 44 -38.97 5.48 27.52
CA ASP B 44 -38.48 6.79 27.10
C ASP B 44 -37.25 6.69 26.20
N ASN B 45 -36.42 5.67 26.39
CA ASN B 45 -35.08 5.63 25.82
C ASN B 45 -34.74 4.43 24.95
N CYS B 46 -35.58 3.39 24.97
CA CYS B 46 -35.22 2.09 24.36
C CYS B 46 -36.28 1.46 23.46
N ALA B 47 -37.53 1.60 23.85
CA ALA B 47 -38.65 0.90 23.22
C ALA B 47 -38.86 1.30 21.76
N SER B 48 -38.45 2.50 21.39
CA SER B 48 -38.53 2.94 20.00
C SER B 48 -37.81 2.03 19.02
N CYS B 49 -36.84 1.25 19.52
CA CYS B 49 -36.16 0.23 18.73
C CYS B 49 -36.44 -1.17 19.23
N HIS B 50 -36.37 -1.37 20.55
CA HIS B 50 -36.41 -2.73 21.09
C HIS B 50 -37.80 -3.19 21.54
N GLY B 51 -38.82 -2.33 21.37
CA GLY B 51 -40.18 -2.70 21.74
C GLY B 51 -40.56 -2.40 23.18
N ASP B 52 -41.85 -2.26 23.44
CA ASP B 52 -42.30 -1.97 24.78
C ASP B 52 -42.05 -3.08 25.79
N PHE B 53 -41.92 -4.29 25.29
CA PHE B 53 -41.68 -5.48 26.12
C PHE B 53 -40.33 -6.12 25.80
N ALA B 54 -39.44 -5.33 25.18
CA ALA B 54 -38.08 -5.78 24.86
C ALA B 54 -38.07 -6.91 23.82
N GLU B 55 -39.17 -7.01 23.06
CA GLU B 55 -39.40 -8.10 22.10
C GLU B 55 -38.89 -7.77 20.69
N GLY B 56 -38.32 -6.58 20.52
CA GLY B 56 -37.86 -6.08 19.24
C GLY B 56 -38.96 -5.42 18.40
N LEU B 57 -38.62 -4.36 17.69
CA LEU B 57 -39.47 -3.80 16.62
C LEU B 57 -38.76 -4.01 15.28
N ASP B 58 -39.52 -4.28 14.23
CA ASP B 58 -38.98 -4.47 12.90
C ASP B 58 -37.76 -5.40 12.98
N SER B 59 -36.61 -4.95 12.52
CA SER B 59 -35.42 -5.79 12.49
C SER B 59 -34.40 -5.42 13.58
N TRP B 60 -34.79 -4.58 14.55
CA TRP B 60 -33.87 -4.24 15.64
C TRP B 60 -33.71 -5.44 16.58
N PRO B 61 -32.62 -5.45 17.38
CA PRO B 61 -32.43 -6.65 18.19
C PRO B 61 -33.55 -6.95 19.19
N VAL B 62 -33.85 -8.23 19.28
CA VAL B 62 -34.78 -8.79 20.26
C VAL B 62 -34.00 -9.01 21.57
N LEU B 63 -34.51 -8.47 22.68
CA LEU B 63 -33.84 -8.57 23.97
C LEU B 63 -34.43 -9.60 24.91
N ALA B 64 -35.61 -10.13 24.55
CA ALA B 64 -36.32 -11.10 25.35
C ALA B 64 -37.02 -12.10 24.46
N GLY B 65 -36.98 -13.37 24.83
CA GLY B 65 -37.61 -14.41 24.07
C GLY B 65 -36.65 -15.47 23.57
N GLY B 66 -37.20 -16.48 22.91
CA GLY B 66 -36.38 -17.49 22.28
C GLY B 66 -35.90 -18.59 23.19
N ASP B 67 -36.42 -18.64 24.41
CA ASP B 67 -35.95 -19.64 25.36
C ASP B 67 -36.14 -21.05 24.79
N GLY B 68 -35.09 -21.85 24.91
CA GLY B 68 -35.13 -23.21 24.42
C GLY B 68 -34.97 -23.43 22.93
N SER B 69 -34.63 -22.36 22.19
CA SER B 69 -34.53 -22.40 20.74
C SER B 69 -33.15 -22.70 20.20
N LEU B 70 -32.18 -23.02 21.06
CA LEU B 70 -30.77 -23.02 20.60
C LEU B 70 -30.45 -24.25 19.77
N THR B 71 -31.36 -25.23 19.69
CA THR B 71 -31.21 -26.35 18.76
C THR B 71 -32.28 -26.39 17.66
N ASP B 72 -33.00 -25.29 17.52
CA ASP B 72 -33.94 -25.09 16.40
C ASP B 72 -33.19 -24.79 15.09
N PRO B 73 -33.85 -25.00 13.92
CA PRO B 73 -33.21 -24.60 12.67
C PRO B 73 -32.75 -23.13 12.65
N ARG B 74 -33.54 -22.23 13.25
CA ARG B 74 -33.20 -20.83 13.30
C ARG B 74 -33.32 -20.33 14.75
N PRO B 75 -32.22 -20.45 15.52
CA PRO B 75 -32.26 -20.03 16.90
C PRO B 75 -32.55 -18.55 17.10
N VAL B 76 -33.18 -18.25 18.23
CA VAL B 76 -33.46 -16.87 18.63
C VAL B 76 -32.65 -16.63 19.90
N LYS B 77 -31.57 -15.88 19.74
CA LYS B 77 -30.56 -15.70 20.76
C LYS B 77 -30.74 -14.35 21.42
N THR B 78 -31.14 -14.35 22.67
CA THR B 78 -31.41 -13.14 23.42
C THR B 78 -30.72 -13.17 24.77
N ILE B 79 -30.85 -12.07 25.51
CA ILE B 79 -30.35 -12.06 26.89
C ILE B 79 -30.83 -13.29 27.65
N GLY B 80 -32.12 -13.55 27.63
CA GLY B 80 -32.66 -14.68 28.35
C GLY B 80 -32.36 -16.05 27.78
N SER B 81 -32.37 -16.18 26.45
CA SER B 81 -32.17 -17.49 25.86
C SER B 81 -30.72 -17.90 25.71
N TYR B 82 -29.81 -16.91 25.71
CA TYR B 82 -28.45 -17.16 25.27
C TYR B 82 -27.36 -16.53 26.10
N TRP B 83 -27.55 -15.34 26.64
CA TRP B 83 -26.41 -14.70 27.32
C TRP B 83 -26.06 -15.42 28.60
N PRO B 84 -24.77 -15.49 28.93
CA PRO B 84 -24.38 -16.21 30.13
C PRO B 84 -24.45 -15.43 31.43
N TYR B 85 -24.18 -14.12 31.37
CA TYR B 85 -23.96 -13.31 32.57
C TYR B 85 -24.74 -12.01 32.56
N LEU B 86 -25.29 -11.66 33.73
CA LEU B 86 -25.95 -10.40 33.90
C LEU B 86 -24.98 -9.20 33.82
N SER B 87 -23.74 -9.41 34.24
CA SER B 87 -22.76 -8.35 34.19
C SER B 87 -22.72 -7.69 32.82
N THR B 88 -22.74 -8.51 31.77
CA THR B 88 -22.61 -8.03 30.41
C THR B 88 -23.77 -7.09 30.05
N VAL B 89 -24.97 -7.40 30.56
CA VAL B 89 -26.17 -6.60 30.28
C VAL B 89 -25.97 -5.20 30.87
N TYR B 90 -25.62 -5.15 32.15
CA TYR B 90 -25.39 -3.87 32.79
C TYR B 90 -24.31 -3.08 32.05
N ASP B 91 -23.17 -3.73 31.81
CA ASP B 91 -22.01 -3.03 31.27
C ASP B 91 -22.27 -2.49 29.86
N TYR B 92 -22.78 -3.34 28.99
CA TYR B 92 -23.03 -2.94 27.63
C TYR B 92 -24.07 -1.82 27.57
N VAL B 93 -25.17 -1.96 28.31
CA VAL B 93 -26.20 -0.92 28.30
C VAL B 93 -25.62 0.42 28.79
N HIS B 94 -24.90 0.38 29.89
CA HIS B 94 -24.34 1.60 30.48
C HIS B 94 -23.38 2.30 29.50
N ARG B 95 -22.55 1.52 28.81
CA ARG B 95 -21.48 2.05 27.99
C ARG B 95 -21.93 2.41 26.58
N SER B 96 -22.90 1.68 26.04
CA SER B 96 -23.14 1.69 24.59
C SER B 96 -24.57 1.90 24.11
N MET B 97 -25.53 1.99 25.01
CA MET B 97 -26.91 2.28 24.64
C MET B 97 -27.37 3.53 25.39
N PRO B 98 -28.42 4.20 24.92
CA PRO B 98 -29.11 3.99 23.65
C PRO B 98 -28.22 4.23 22.45
N PHE B 99 -28.53 3.51 21.38
CA PHE B 99 -27.78 3.56 20.12
C PHE B 99 -27.94 4.94 19.52
N GLY B 100 -26.82 5.67 19.41
CA GLY B 100 -26.78 7.03 18.86
C GLY B 100 -26.66 8.08 19.93
N SER B 101 -26.82 7.69 21.19
CA SER B 101 -26.70 8.60 22.34
C SER B 101 -26.23 7.84 23.59
N ALA B 102 -25.12 7.13 23.43
CA ALA B 102 -24.62 6.27 24.47
C ALA B 102 -24.05 7.06 25.66
N GLN B 103 -23.95 6.37 26.80
CA GLN B 103 -23.41 6.92 28.05
C GLN B 103 -24.26 8.05 28.60
N THR B 104 -25.56 7.96 28.41
CA THR B 104 -26.49 8.92 28.99
C THR B 104 -27.28 8.36 30.18
N LEU B 105 -27.02 7.11 30.58
CA LEU B 105 -27.71 6.52 31.72
C LEU B 105 -26.87 6.60 32.98
N SER B 106 -27.51 6.94 34.10
CA SER B 106 -26.86 6.85 35.40
C SER B 106 -26.72 5.40 35.85
N VAL B 107 -25.94 5.23 36.90
CA VAL B 107 -25.80 3.93 37.56
C VAL B 107 -27.18 3.36 37.95
N ASP B 108 -27.99 4.17 38.62
CA ASP B 108 -29.30 3.72 39.06
C ASP B 108 -30.20 3.41 37.87
N ASP B 109 -30.14 4.25 36.82
CA ASP B 109 -30.93 4.00 35.60
C ASP B 109 -30.58 2.64 35.03
N THR B 110 -29.30 2.32 35.03
CA THR B 110 -28.86 1.06 34.44
C THR B 110 -29.28 -0.15 35.27
N TYR B 111 -29.23 -0.03 36.60
CA TYR B 111 -29.80 -1.09 37.43
C TYR B 111 -31.27 -1.31 37.15
N ALA B 112 -32.01 -0.21 37.06
CA ALA B 112 -33.45 -0.30 36.78
C ALA B 112 -33.75 -0.95 35.43
N ILE B 113 -33.04 -0.50 34.39
CA ILE B 113 -33.24 -1.09 33.07
C ILE B 113 -32.89 -2.56 33.09
N THR B 114 -31.81 -2.91 33.77
CA THR B 114 -31.42 -4.30 33.86
C THR B 114 -32.50 -5.13 34.58
N ALA B 115 -33.07 -4.58 35.66
CA ALA B 115 -34.19 -5.25 36.33
C ALA B 115 -35.35 -5.47 35.36
N PHE B 116 -35.69 -4.45 34.57
CA PHE B 116 -36.76 -4.55 33.60
C PHE B 116 -36.48 -5.61 32.50
N LEU B 117 -35.23 -5.68 32.06
CA LEU B 117 -34.86 -6.72 31.09
C LEU B 117 -34.98 -8.12 31.71
N LEU B 118 -34.62 -8.26 32.99
CA LEU B 118 -34.83 -9.54 33.68
C LEU B 118 -36.33 -9.89 33.68
N TYR B 119 -37.16 -8.92 34.05
CA TYR B 119 -38.59 -9.11 34.08
C TYR B 119 -39.13 -9.51 32.71
N SER B 120 -38.67 -8.81 31.68
CA SER B 120 -39.15 -9.05 30.33
C SER B 120 -38.79 -10.43 29.80
N ASN B 121 -37.73 -11.00 30.38
CA ASN B 121 -37.26 -12.35 30.09
C ASN B 121 -37.86 -13.39 31.03
N GLY B 122 -38.79 -12.96 31.88
CA GLY B 122 -39.49 -13.91 32.76
C GLY B 122 -38.68 -14.39 33.94
N LEU B 123 -37.64 -13.67 34.31
CA LEU B 123 -36.67 -14.16 35.30
C LEU B 123 -36.81 -13.62 36.70
N VAL B 124 -37.59 -12.54 36.85
CA VAL B 124 -37.92 -11.94 38.13
C VAL B 124 -39.35 -11.42 38.06
N GLU B 125 -39.89 -11.16 39.23
CA GLU B 125 -41.25 -10.64 39.35
C GLU B 125 -41.27 -9.13 39.19
N ASP B 126 -42.46 -8.57 39.03
CA ASP B 126 -42.59 -7.14 38.67
C ASP B 126 -42.25 -6.16 39.79
N ASP B 127 -41.99 -6.68 40.99
CA ASP B 127 -41.54 -5.86 42.12
C ASP B 127 -40.06 -6.01 42.46
N PHE B 128 -39.30 -6.70 41.61
CA PHE B 128 -37.90 -6.95 41.86
C PHE B 128 -37.09 -5.65 41.87
N VAL B 129 -36.18 -5.57 42.84
CA VAL B 129 -35.22 -4.49 42.97
C VAL B 129 -33.81 -5.06 42.79
N LEU B 130 -33.10 -4.57 41.77
CA LEU B 130 -31.71 -4.96 41.53
C LEU B 130 -30.79 -3.96 42.16
N THR B 131 -29.85 -4.41 42.98
CA THR B 131 -28.89 -3.54 43.64
C THR B 131 -27.48 -4.07 43.42
N HIS B 132 -26.49 -3.27 43.79
CA HIS B 132 -25.10 -3.72 43.72
C HIS B 132 -24.83 -4.90 44.65
N GLU B 133 -25.67 -5.07 45.67
CA GLU B 133 -25.44 -6.12 46.67
C GLU B 133 -26.06 -7.46 46.29
N ASN B 134 -27.17 -7.46 45.55
CA ASN B 134 -27.80 -8.71 45.11
C ASN B 134 -27.54 -9.09 43.66
N PHE B 135 -26.78 -8.25 42.95
CA PHE B 135 -26.57 -8.42 41.51
C PHE B 135 -26.04 -9.81 41.18
N THR B 136 -25.02 -10.25 41.91
CA THR B 136 -24.36 -11.52 41.60
C THR B 136 -25.16 -12.76 42.06
N GLN B 137 -26.30 -12.56 42.72
CA GLN B 137 -27.21 -13.67 42.99
C GLN B 137 -27.99 -14.09 41.75
N VAL B 138 -28.06 -13.21 40.75
CA VAL B 138 -28.80 -13.52 39.54
C VAL B 138 -27.96 -14.41 38.63
N VAL B 139 -28.54 -15.55 38.26
CA VAL B 139 -27.92 -16.50 37.34
C VAL B 139 -28.82 -16.63 36.11
N LEU B 140 -28.26 -16.37 34.94
CA LEU B 140 -29.03 -16.45 33.68
C LEU B 140 -29.18 -17.88 33.22
N PRO B 141 -30.27 -18.17 32.48
CA PRO B 141 -30.51 -19.55 32.04
C PRO B 141 -29.35 -20.20 31.31
N ASN B 142 -28.67 -19.46 30.45
CA ASN B 142 -27.59 -20.03 29.64
C ASN B 142 -26.18 -19.80 30.23
N ALA B 143 -26.10 -19.61 31.56
CA ALA B 143 -24.83 -19.42 32.22
C ALA B 143 -23.81 -20.49 31.90
N GLU B 144 -24.24 -21.73 31.71
CA GLU B 144 -23.33 -22.86 31.42
C GLU B 144 -23.34 -23.26 29.93
N GLY B 145 -23.74 -22.33 29.08
CA GLY B 145 -23.92 -22.62 27.66
C GLY B 145 -22.71 -22.51 26.77
N PHE B 146 -21.54 -22.20 27.34
CA PHE B 146 -20.35 -21.89 26.56
C PHE B 146 -19.14 -22.66 27.03
N TYR B 147 -18.23 -22.92 26.10
CA TYR B 147 -16.98 -23.57 26.47
C TYR B 147 -15.86 -22.97 25.63
N PRO B 148 -14.65 -22.87 26.22
CA PRO B 148 -13.53 -22.35 25.41
C PRO B 148 -13.21 -23.15 24.14
N ASP B 149 -12.81 -22.44 23.10
CA ASP B 149 -12.40 -23.00 21.82
C ASP B 149 -11.68 -24.33 22.00
N ASP B 150 -12.23 -25.37 21.39
CA ASP B 150 -11.66 -26.73 21.41
C ASP B 150 -11.36 -27.26 20.01
N ARG B 151 -11.18 -26.37 19.03
CA ARG B 151 -10.77 -26.80 17.70
C ARG B 151 -9.50 -27.62 17.76
N ASP B 152 -8.60 -27.35 18.70
CA ASP B 152 -7.36 -28.13 18.80
C ASP B 152 -7.60 -29.62 19.10
N GLN B 153 -8.73 -29.93 19.72
CA GLN B 153 -9.13 -31.31 19.99
C GLN B 153 -10.06 -31.91 18.91
N THR B 154 -10.98 -31.11 18.41
CA THR B 154 -12.10 -31.60 17.62
C THR B 154 -11.99 -31.35 16.11
N GLU B 155 -11.06 -30.49 15.67
CA GLU B 155 -10.90 -30.19 14.25
C GLU B 155 -9.46 -30.34 13.76
N TYR B 156 -8.52 -29.74 14.46
CA TYR B 156 -7.15 -29.71 13.96
C TYR B 156 -6.58 -31.11 13.71
N PRO B 157 -6.82 -32.08 14.61
CA PRO B 157 -6.25 -33.41 14.29
C PRO B 157 -6.86 -34.03 13.03
N LEU B 158 -8.15 -33.77 12.80
CA LEU B 158 -8.84 -34.33 11.65
C LEU B 158 -8.40 -33.67 10.35
N PHE B 159 -8.19 -32.35 10.39
CA PHE B 159 -7.92 -31.57 9.21
C PHE B 159 -6.43 -31.50 8.90
N SER B 160 -5.58 -32.07 9.76
CA SER B 160 -4.13 -32.07 9.54
C SER B 160 -3.61 -33.43 9.04
N LYS B 161 -4.51 -34.30 8.60
CA LYS B 161 -4.14 -35.55 7.95
C LYS B 161 -3.70 -35.26 6.52
N GLU B 162 -2.94 -36.17 5.90
CA GLU B 162 -2.54 -35.99 4.52
C GLU B 162 -3.76 -35.98 3.61
N PRO B 163 -3.90 -34.91 2.80
CA PRO B 163 -5.08 -34.86 1.96
C PRO B 163 -4.95 -35.62 0.66
N CYS B 164 -6.10 -35.91 0.05
CA CYS B 164 -6.14 -36.57 -1.25
C CYS B 164 -5.71 -35.61 -2.36
N MET B 165 -4.92 -36.10 -3.30
CA MET B 165 -4.51 -35.33 -4.47
C MET B 165 -5.13 -35.82 -5.78
N THR B 166 -5.34 -37.13 -5.89
CA THR B 166 -5.68 -37.73 -7.17
C THR B 166 -6.79 -38.74 -7.00
N ASP B 167 -7.74 -38.74 -7.96
CA ASP B 167 -8.84 -39.70 -8.00
C ASP B 167 -9.59 -39.74 -6.68
N CYS B 168 -9.90 -38.55 -6.17
CA CYS B 168 -10.54 -38.39 -4.88
C CYS B 168 -12.02 -38.68 -5.01
N ALA B 169 -12.55 -39.36 -3.99
CA ALA B 169 -13.90 -39.87 -3.98
C ALA B 169 -14.81 -38.80 -3.44
N VAL B 170 -15.08 -37.78 -4.25
CA VAL B 170 -15.89 -36.62 -3.86
CA VAL B 170 -15.92 -36.65 -3.83
C VAL B 170 -17.13 -36.47 -4.73
N GLY B 171 -18.22 -35.97 -4.15
CA GLY B 171 -19.41 -35.67 -4.92
C GLY B 171 -19.31 -34.29 -5.59
N VAL B 172 -19.70 -34.21 -6.86
CA VAL B 172 -19.53 -32.99 -7.65
C VAL B 172 -20.80 -32.51 -8.35
N GLU B 173 -21.95 -32.97 -7.84
CA GLU B 173 -23.23 -32.46 -8.31
C GLU B 173 -23.51 -31.08 -7.72
N ILE B 174 -23.97 -30.15 -8.55
CA ILE B 174 -24.30 -28.82 -8.04
C ILE B 174 -25.59 -28.89 -7.23
N THR B 175 -25.52 -28.44 -5.97
CA THR B 175 -26.65 -28.50 -5.03
C THR B 175 -27.25 -27.16 -4.64
N LYS B 176 -26.44 -26.11 -4.59
CA LYS B 176 -26.89 -24.76 -4.25
C LYS B 176 -26.29 -23.79 -5.26
N ARG B 177 -27.06 -22.79 -5.64
CA ARG B 177 -26.61 -21.71 -6.52
C ARG B 177 -27.03 -20.34 -5.98
N ALA B 178 -26.07 -19.44 -5.78
CA ALA B 178 -26.37 -18.08 -5.31
C ALA B 178 -27.29 -17.34 -6.27
N VAL B 179 -27.20 -17.60 -7.57
CA VAL B 179 -28.08 -16.90 -8.50
C VAL B 179 -29.55 -17.18 -8.22
N ASP B 180 -29.87 -18.29 -7.59
CA ASP B 180 -31.25 -18.58 -7.17
C ASP B 180 -31.82 -17.56 -6.21
N LEU B 181 -30.95 -16.97 -5.38
CA LEU B 181 -31.40 -15.97 -4.41
C LEU B 181 -31.47 -14.58 -5.03
N ASN B 182 -30.47 -14.23 -5.82
CA ASN B 182 -30.44 -12.95 -6.50
C ASN B 182 -30.58 -11.79 -5.51
N VAL B 183 -29.75 -11.82 -4.46
CA VAL B 183 -29.77 -10.82 -3.40
C VAL B 183 -28.41 -10.08 -3.26
N THR B 184 -27.59 -10.12 -4.29
CA THR B 184 -26.35 -9.38 -4.35
C THR B 184 -26.57 -8.03 -5.06
N PRO B 185 -25.92 -6.96 -4.58
CA PRO B 185 -26.04 -5.73 -5.34
C PRO B 185 -25.62 -5.94 -6.79
N GLU B 186 -26.19 -5.16 -7.69
CA GLU B 186 -25.97 -5.30 -9.12
C GLU B 186 -25.46 -4.02 -9.73
N ASP B 187 -24.71 -4.19 -10.81
CA ASP B 187 -24.39 -3.11 -11.74
C ASP B 187 -25.67 -2.88 -12.60
N PRO B 188 -25.68 -1.80 -13.38
CA PRO B 188 -26.90 -1.54 -14.19
C PRO B 188 -27.24 -2.64 -15.21
N ASP B 189 -26.25 -3.40 -15.65
CA ASP B 189 -26.48 -4.50 -16.60
C ASP B 189 -26.91 -5.80 -15.93
N GLY B 190 -27.10 -5.79 -14.61
CA GLY B 190 -27.54 -6.98 -13.91
C GLY B 190 -26.47 -7.88 -13.37
N ARG B 191 -25.21 -7.60 -13.70
CA ARG B 191 -24.08 -8.35 -13.15
C ARG B 191 -23.88 -8.00 -11.70
N PRO B 192 -23.23 -8.89 -10.94
CA PRO B 192 -22.83 -8.54 -9.58
C PRO B 192 -22.07 -7.20 -9.53
N ALA B 193 -22.43 -6.36 -8.58
CA ALA B 193 -21.84 -5.05 -8.54
C ALA B 193 -20.32 -5.14 -8.46
N GLY B 194 -19.66 -4.25 -9.19
CA GLY B 194 -18.21 -4.22 -9.24
C GLY B 194 -17.58 -5.17 -10.23
N SER B 195 -18.40 -5.81 -11.05
CA SER B 195 -17.87 -6.71 -12.07
C SER B 195 -16.88 -5.98 -12.99
N MET B 196 -15.89 -6.73 -13.47
CA MET B 196 -14.86 -6.15 -14.30
C MET B 196 -15.44 -5.61 -15.58
N PRO B 197 -15.03 -4.42 -15.99
CA PRO B 197 -15.48 -3.92 -17.28
C PRO B 197 -15.07 -4.82 -18.44
N ASP B 198 -15.94 -4.88 -19.45
CA ASP B 198 -15.67 -5.62 -20.67
C ASP B 198 -14.70 -4.81 -21.50
N LEU B 199 -13.47 -5.29 -21.63
CA LEU B 199 -12.46 -4.59 -22.41
C LEU B 199 -12.75 -4.68 -23.92
N GLY B 200 -13.69 -5.53 -24.32
CA GLY B 200 -14.17 -5.59 -25.71
C GLY B 200 -15.23 -4.55 -26.03
N ALA B 201 -15.71 -3.84 -25.02
CA ALA B 201 -16.66 -2.75 -25.17
C ALA B 201 -15.94 -1.42 -24.94
N ALA B 202 -16.56 -0.32 -25.34
CA ALA B 202 -15.98 1.01 -25.17
C ALA B 202 -15.72 1.33 -23.69
N ALA B 203 -14.68 2.12 -23.43
CA ALA B 203 -14.34 2.55 -22.07
C ALA B 203 -15.39 3.56 -21.59
N ALA B 204 -15.59 3.60 -20.28
CA ALA B 204 -16.53 4.55 -19.67
C ALA B 204 -16.04 5.98 -19.86
N PRO B 205 -16.83 6.92 -20.08
N GLY C 2 -3.48 16.52 41.38
CA GLY C 2 -3.51 16.94 39.94
C GLY C 2 -4.90 17.35 39.48
N THR C 3 -4.98 17.96 38.30
CA THR C 3 -6.25 18.36 37.70
C THR C 3 -6.67 17.33 36.66
N PRO C 4 -7.85 16.69 36.86
CA PRO C 4 -8.23 15.66 35.89
C PRO C 4 -8.39 16.23 34.50
N ASP C 5 -8.02 15.45 33.49
CA ASP C 5 -8.10 15.90 32.11
C ASP C 5 -9.53 15.73 31.61
N PRO C 6 -10.20 16.83 31.20
CA PRO C 6 -11.60 16.71 30.76
C PRO C 6 -11.79 15.88 29.47
N LEU C 7 -10.72 15.70 28.71
CA LEU C 7 -10.77 14.78 27.55
C LEU C 7 -11.00 13.32 27.97
N ILE C 8 -10.80 13.03 29.25
CA ILE C 8 -11.11 11.74 29.86
C ILE C 8 -12.33 11.86 30.77
N THR C 9 -12.40 12.88 31.64
CA THR C 9 -13.48 12.90 32.63
C THR C 9 -14.84 13.33 32.07
N GLU C 10 -14.85 14.06 30.96
CA GLU C 10 -16.08 14.42 30.27
C GLU C 10 -16.27 13.52 29.06
N ILE C 11 -17.48 13.04 28.88
CA ILE C 11 -17.79 12.18 27.74
C ILE C 11 -17.75 13.02 26.47
N GLN C 12 -17.02 12.53 25.47
CA GLN C 12 -16.80 13.28 24.23
C GLN C 12 -17.83 12.80 23.20
N PRO C 13 -18.12 13.63 22.19
CA PRO C 13 -19.22 13.26 21.29
C PRO C 13 -18.96 11.92 20.59
N TRP C 14 -17.72 11.63 20.25
CA TRP C 14 -17.38 10.41 19.54
C TRP C 14 -17.59 9.15 20.37
N ALA C 15 -17.79 9.30 21.69
CA ALA C 15 -18.04 8.17 22.61
C ALA C 15 -19.52 8.04 22.95
N SER C 16 -20.37 8.77 22.23
CA SER C 16 -21.80 8.77 22.48
C SER C 16 -22.60 8.70 21.19
N GLU C 17 -22.31 9.60 20.26
CA GLU C 17 -23.02 9.70 19.00
C GLU C 17 -22.37 8.81 17.95
N PHE C 18 -23.00 8.67 16.79
CA PHE C 18 -22.49 7.89 15.70
C PHE C 18 -21.35 8.57 14.96
N GLY C 19 -20.41 7.76 14.51
CA GLY C 19 -19.49 8.16 13.45
C GLY C 19 -20.12 7.94 12.07
N GLU C 20 -19.29 8.01 11.03
CA GLU C 20 -19.79 7.82 9.66
C GLU C 20 -20.15 6.34 9.38
N ALA C 21 -21.11 6.18 8.46
CA ALA C 21 -21.62 4.87 8.06
C ALA C 21 -20.65 4.18 7.13
N VAL C 22 -20.82 2.86 6.99
CA VAL C 22 -19.96 2.04 6.12
C VAL C 22 -20.22 2.27 4.64
N ASP C 23 -21.27 3.01 4.29
CA ASP C 23 -21.51 3.30 2.88
C ASP C 23 -21.09 4.70 2.50
N ALA C 24 -20.35 5.41 3.38
CA ALA C 24 -20.08 6.82 3.15
C ALA C 24 -19.02 7.03 2.06
N HIS C 25 -18.00 6.17 2.00
CA HIS C 25 -16.83 6.40 1.14
C HIS C 25 -16.40 5.13 0.45
N PRO C 26 -16.89 4.90 -0.77
CA PRO C 26 -16.53 3.64 -1.42
C PRO C 26 -15.03 3.50 -1.70
N TYR C 27 -14.35 4.61 -1.96
CA TYR C 27 -12.90 4.61 -2.08
C TYR C 27 -12.38 5.81 -1.29
N GLY C 28 -11.77 5.54 -0.15
CA GLY C 28 -11.43 6.58 0.82
C GLY C 28 -10.09 7.26 0.61
N LEU C 29 -9.96 8.39 1.28
CA LEU C 29 -8.74 9.18 1.38
C LEU C 29 -8.33 9.34 2.84
N PRO C 30 -7.10 9.82 3.12
CA PRO C 30 -6.68 10.08 4.47
C PRO C 30 -7.57 11.06 5.21
N ILE C 31 -7.57 10.92 6.53
CA ILE C 31 -8.27 11.88 7.38
C ILE C 31 -7.67 13.26 7.15
N HIS C 32 -8.45 14.30 7.35
CA HIS C 32 -8.00 15.65 7.01
C HIS C 32 -6.84 16.14 7.87
N PHE C 33 -6.69 15.59 9.05
CA PHE C 33 -5.58 15.95 9.91
C PHE C 33 -4.24 15.55 9.33
N GLU C 34 -4.26 14.66 8.34
CA GLU C 34 -3.04 14.19 7.69
C GLU C 34 -2.74 14.87 6.36
N SER C 35 -3.24 16.08 6.20
CA SER C 35 -3.15 16.79 4.89
C SER C 35 -1.70 17.11 4.47
N HIS C 36 -0.80 17.20 5.43
CA HIS C 36 0.61 17.49 5.17
C HIS C 36 1.34 16.29 4.55
N VAL C 37 0.73 15.11 4.56
CA VAL C 37 1.32 13.92 3.99
C VAL C 37 0.82 13.86 2.55
N LYS C 38 1.52 14.58 1.68
CA LYS C 38 1.12 14.76 0.29
C LYS C 38 2.35 15.03 -0.55
N ARG C 39 2.20 14.95 -1.85
N ARG C 39 2.21 14.97 -1.85
CA ARG C 39 3.25 15.37 -2.76
CA ARG C 39 3.31 15.29 -2.76
C ARG C 39 3.48 16.85 -2.63
C ARG C 39 3.49 16.80 -2.87
N GLN C 40 4.73 17.27 -2.76
CA GLN C 40 5.09 18.67 -2.88
C GLN C 40 5.80 18.92 -4.19
N TYR C 41 5.69 20.15 -4.68
CA TYR C 41 6.25 20.58 -5.95
C TYR C 41 7.11 21.81 -5.68
N VAL C 42 8.31 21.80 -6.24
CA VAL C 42 9.26 22.90 -6.14
C VAL C 42 9.35 23.52 -7.52
N GLU C 43 8.66 24.63 -7.71
CA GLU C 43 8.53 25.21 -9.04
C GLU C 43 9.86 25.53 -9.75
N TRP C 44 10.84 26.04 -9.01
CA TRP C 44 12.06 26.54 -9.64
C TRP C 44 12.95 25.46 -10.26
N LEU C 45 12.74 24.20 -9.90
CA LEU C 45 13.61 23.14 -10.35
C LEU C 45 13.55 22.90 -11.86
N THR C 46 12.41 23.20 -12.47
CA THR C 46 12.25 22.90 -13.90
C THR C 46 11.56 24.02 -14.63
N GLU C 47 11.56 23.94 -15.96
CA GLU C 47 11.08 24.98 -16.86
C GLU C 47 9.55 24.90 -17.15
N SER C 48 8.99 23.70 -17.00
CA SER C 48 7.58 23.40 -17.27
C SER C 48 7.07 22.39 -16.26
N PRO C 49 5.84 22.55 -15.77
CA PRO C 49 5.30 21.58 -14.82
C PRO C 49 4.90 20.23 -15.43
N VAL C 50 4.93 20.11 -16.75
CA VAL C 50 4.68 18.82 -17.39
C VAL C 50 5.96 18.04 -17.70
N SER C 51 7.13 18.68 -17.64
CA SER C 51 8.40 17.94 -17.62
C SER C 51 9.08 18.30 -16.31
N SER C 52 8.71 17.56 -15.30
CA SER C 52 9.06 17.96 -13.96
C SER C 52 8.88 16.79 -12.99
N ILE C 53 8.97 17.13 -11.72
CA ILE C 53 9.13 16.20 -10.61
C ILE C 53 8.32 16.70 -9.44
N ASN C 54 7.75 15.78 -8.67
CA ASN C 54 7.25 16.13 -7.34
C ASN C 54 7.84 15.12 -6.35
N PHE C 55 7.53 15.28 -5.06
CA PHE C 55 8.31 14.64 -4.01
C PHE C 55 7.42 13.87 -3.05
N THR C 56 7.77 12.61 -2.82
CA THR C 56 7.09 11.79 -1.84
C THR C 56 7.32 12.33 -0.40
N PRO C 57 6.29 12.33 0.48
CA PRO C 57 6.44 12.87 1.83
C PRO C 57 7.11 11.88 2.78
N ILE C 58 8.34 11.53 2.48
CA ILE C 58 9.03 10.51 3.23
C ILE C 58 9.36 10.92 4.65
N HIS C 59 9.30 12.21 4.96
CA HIS C 59 9.48 12.63 6.34
C HIS C 59 8.41 12.06 7.27
N ALA C 60 7.21 11.86 6.74
CA ALA C 60 6.02 11.55 7.52
C ALA C 60 5.62 10.10 7.46
N LEU C 61 6.16 9.34 6.53
CA LEU C 61 5.83 7.93 6.34
C LEU C 61 6.62 7.07 7.32
N GLU C 62 6.16 5.84 7.52
CA GLU C 62 6.89 4.81 8.26
C GLU C 62 6.90 3.52 7.44
N GLY C 63 7.53 2.50 7.96
CA GLY C 63 7.57 1.23 7.23
C GLY C 63 8.32 1.35 5.94
N THR C 64 7.84 0.63 4.92
CA THR C 64 8.50 0.59 3.63
C THR C 64 7.57 0.78 2.44
N ILE C 65 6.27 0.51 2.58
CA ILE C 65 5.35 0.62 1.46
C ILE C 65 4.96 2.08 1.29
N THR C 66 5.12 2.64 0.10
CA THR C 66 4.71 4.02 -0.15
C THR C 66 3.24 4.04 -0.56
N PRO C 67 2.38 4.82 0.13
CA PRO C 67 1.01 4.96 -0.36
C PRO C 67 1.01 5.56 -1.76
N GLN C 68 0.38 4.90 -2.71
CA GLN C 68 0.50 5.27 -4.09
C GLN C 68 -0.06 6.66 -4.36
N GLY C 69 -1.04 7.09 -3.57
CA GLY C 69 -1.58 8.46 -3.72
C GLY C 69 -0.61 9.58 -3.45
N CYS C 70 0.43 9.31 -2.67
CA CYS C 70 1.46 10.34 -2.39
C CYS C 70 2.83 9.93 -2.89
N ALA C 71 2.90 8.87 -3.68
CA ALA C 71 4.14 8.42 -4.31
C ALA C 71 4.53 9.38 -5.45
N PHE C 72 5.78 9.83 -5.47
CA PHE C 72 6.23 10.86 -6.38
C PHE C 72 5.94 10.52 -7.84
N GLU C 73 5.87 11.59 -8.62
CA GLU C 73 5.72 11.53 -10.06
C GLU C 73 6.89 12.20 -10.73
N ARG C 74 7.32 11.63 -11.87
CA ARG C 74 8.26 12.31 -12.78
C ARG C 74 7.76 12.07 -14.20
N HIS C 75 7.43 13.16 -14.88
CA HIS C 75 6.96 13.10 -16.28
C HIS C 75 7.82 13.99 -17.15
N HIS C 76 7.77 13.74 -18.45
CA HIS C 76 8.43 14.62 -19.42
C HIS C 76 7.45 15.29 -20.40
N SER C 77 6.25 14.74 -20.55
CA SER C 77 5.16 15.41 -21.29
C SER C 77 3.82 15.23 -20.58
N GLY C 78 3.88 15.15 -19.26
CA GLY C 78 2.68 15.05 -18.44
C GLY C 78 2.21 13.62 -18.22
N ALA C 79 1.27 13.48 -17.30
CA ALA C 79 0.65 12.19 -16.99
C ALA C 79 -0.54 11.96 -17.94
N ILE C 80 -0.41 10.96 -18.83
CA ILE C 80 -1.41 10.76 -19.87
C ILE C 80 -2.49 9.77 -19.42
N GLU C 81 -3.67 9.91 -20.02
CA GLU C 81 -4.79 9.01 -19.81
C GLU C 81 -4.83 8.00 -20.94
N LEU C 82 -4.65 6.73 -20.59
CA LEU C 82 -4.55 5.66 -21.55
C LEU C 82 -5.43 4.52 -21.07
N SER C 83 -6.59 4.35 -21.70
CA SER C 83 -7.49 3.30 -21.29
C SER C 83 -6.94 1.92 -21.68
N LYS C 84 -7.39 0.88 -20.98
CA LYS C 84 -7.03 -0.49 -21.31
C LYS C 84 -7.57 -0.84 -22.68
N GLN C 85 -8.67 -0.25 -23.10
CA GLN C 85 -9.20 -0.48 -24.45
C GLN C 85 -8.31 0.08 -25.54
N ASP C 86 -7.71 1.24 -25.31
CA ASP C 86 -6.89 1.89 -26.32
C ASP C 86 -5.43 1.43 -26.29
N TYR C 87 -5.04 0.81 -25.17
CA TYR C 87 -3.68 0.35 -24.97
C TYR C 87 -3.25 -0.68 -26.01
N ARG C 88 -2.04 -0.56 -26.54
CA ARG C 88 -1.42 -1.59 -27.36
C ARG C 88 0.03 -1.70 -26.97
N LEU C 89 0.54 -2.93 -26.93
CA LEU C 89 1.97 -3.19 -26.77
C LEU C 89 2.50 -3.91 -28.00
N MET C 90 3.52 -3.31 -28.60
CA MET C 90 4.20 -3.87 -29.76
C MET C 90 5.54 -4.43 -29.34
N ILE C 91 5.88 -5.60 -29.88
CA ILE C 91 7.22 -6.14 -29.80
C ILE C 91 7.71 -6.29 -31.24
N ASN C 92 8.81 -5.64 -31.58
CA ASN C 92 9.32 -5.69 -32.94
C ASN C 92 10.83 -5.64 -32.97
N GLY C 93 11.39 -5.58 -34.17
CA GLY C 93 12.83 -5.56 -34.33
C GLY C 93 13.37 -6.91 -34.71
N LEU C 94 14.45 -7.29 -34.05
CA LEU C 94 15.12 -8.56 -34.28
C LEU C 94 14.41 -9.70 -33.54
N VAL C 95 13.18 -9.95 -33.98
CA VAL C 95 12.36 -11.02 -33.44
C VAL C 95 11.85 -11.83 -34.62
N GLU C 96 11.47 -13.07 -34.37
CA GLU C 96 10.98 -13.97 -35.40
C GLU C 96 9.62 -13.52 -35.92
N LYS C 97 8.76 -13.04 -35.01
CA LYS C 97 7.43 -12.54 -35.38
C LYS C 97 7.14 -11.29 -34.53
N PRO C 98 7.05 -10.14 -35.22
CA PRO C 98 6.64 -8.98 -34.46
C PRO C 98 5.18 -9.11 -34.06
N LEU C 99 4.86 -8.63 -32.85
CA LEU C 99 3.54 -8.86 -32.26
C LEU C 99 2.90 -7.58 -31.74
N VAL C 100 1.57 -7.58 -31.78
CA VAL C 100 0.77 -6.59 -31.09
C VAL C 100 -0.06 -7.31 -30.04
N PHE C 101 0.00 -6.83 -28.79
CA PHE C 101 -0.84 -7.28 -27.71
C PHE C 101 -1.84 -6.23 -27.28
N THR C 102 -3.03 -6.69 -26.92
CA THR C 102 -3.99 -5.90 -26.18
C THR C 102 -3.77 -6.11 -24.68
N PHE C 103 -4.40 -5.25 -23.88
CA PHE C 103 -4.31 -5.43 -22.44
C PHE C 103 -4.94 -6.78 -22.05
N GLU C 104 -6.07 -7.14 -22.65
CA GLU C 104 -6.70 -8.44 -22.42
C GLU C 104 -5.71 -9.58 -22.60
N ASP C 105 -4.89 -9.51 -23.64
CA ASP C 105 -3.90 -10.56 -23.88
C ASP C 105 -2.89 -10.64 -22.73
N LEU C 106 -2.43 -9.47 -22.29
CA LEU C 106 -1.42 -9.39 -21.26
C LEU C 106 -1.82 -10.01 -19.91
N LEU C 107 -3.12 -9.94 -19.58
CA LEU C 107 -3.69 -10.55 -18.41
C LEU C 107 -3.71 -12.06 -18.46
N ARG C 108 -3.28 -12.65 -19.58
CA ARG C 108 -3.29 -14.10 -19.75
C ARG C 108 -1.94 -14.77 -19.64
N PHE C 109 -0.88 -13.98 -19.55
CA PHE C 109 0.46 -14.53 -19.34
C PHE C 109 0.74 -14.87 -17.88
N PRO C 110 1.67 -15.82 -17.63
CA PRO C 110 2.08 -16.14 -16.26
C PRO C 110 2.62 -14.92 -15.54
N ARG C 111 2.20 -14.74 -14.29
CA ARG C 111 2.52 -13.56 -13.54
C ARG C 111 3.62 -13.79 -12.52
N THR C 112 4.31 -12.70 -12.21
CA THR C 112 5.35 -12.65 -11.20
C THR C 112 5.15 -11.41 -10.32
N THR C 113 5.91 -11.34 -9.24
CA THR C 113 5.87 -10.19 -8.35
C THR C 113 7.27 -9.76 -7.95
N THR C 114 7.40 -8.48 -7.66
CA THR C 114 8.59 -8.00 -6.97
C THR C 114 8.20 -6.77 -6.19
N THR C 115 8.91 -6.54 -5.10
CA THR C 115 8.80 -5.30 -4.33
C THR C 115 10.10 -4.54 -4.55
N ALA C 116 10.01 -3.31 -5.04
CA ALA C 116 11.20 -2.63 -5.54
C ALA C 116 11.07 -1.12 -5.40
N PHE C 117 12.18 -0.46 -5.07
CA PHE C 117 12.19 1.00 -5.06
C PHE C 117 12.42 1.55 -6.45
N CYS C 118 11.69 2.60 -6.77
CA CYS C 118 11.88 3.40 -7.96
C CYS C 118 12.45 4.72 -7.48
N GLU C 119 13.76 4.91 -7.68
CA GLU C 119 14.44 6.15 -7.28
C GLU C 119 14.88 6.90 -8.52
N CYS C 120 14.44 8.14 -8.65
CA CYS C 120 14.88 8.98 -9.77
C CYS C 120 16.39 9.13 -9.70
N ALA C 121 17.03 9.03 -10.86
CA ALA C 121 18.47 9.25 -10.92
C ALA C 121 18.89 10.59 -10.33
N ALA C 122 18.00 11.57 -10.42
CA ALA C 122 18.26 12.94 -9.97
C ALA C 122 17.96 13.16 -8.48
N ASN C 123 17.57 12.12 -7.72
CA ASN C 123 17.23 12.30 -6.32
C ASN C 123 18.46 12.84 -5.59
N GLY C 124 18.29 13.95 -4.86
CA GLY C 124 19.41 14.60 -4.21
C GLY C 124 20.37 15.35 -5.13
N GLY C 125 20.06 15.44 -6.42
CA GLY C 125 21.00 16.04 -7.35
C GLY C 125 21.24 17.52 -7.10
N MET C 126 20.23 18.21 -6.58
CA MET C 126 20.33 19.62 -6.26
C MET C 126 21.25 19.83 -5.06
N GLU C 127 21.61 18.74 -4.37
CA GLU C 127 22.51 18.80 -3.23
C GLU C 127 23.96 18.47 -3.60
N TRP C 128 24.27 18.27 -4.87
CA TRP C 128 25.63 17.92 -5.24
C TRP C 128 26.61 19.01 -4.86
N GLY C 129 26.19 20.26 -4.96
CA GLY C 129 27.05 21.42 -4.73
C GLY C 129 26.87 22.12 -3.39
N GLY C 130 26.15 21.51 -2.45
CA GLY C 130 25.89 22.15 -1.17
C GLY C 130 24.55 21.73 -0.62
N ALA C 131 24.08 22.44 0.40
CA ALA C 131 22.82 22.19 1.06
C ALA C 131 21.84 23.24 0.55
N GLN C 132 20.82 22.82 -0.19
CA GLN C 132 19.92 23.76 -0.85
C GLN C 132 18.46 23.68 -0.35
N LEU C 133 17.88 22.50 -0.27
CA LEU C 133 16.48 22.38 0.11
C LEU C 133 16.33 21.87 1.55
N GLU C 134 15.21 22.27 2.16
CA GLU C 134 14.97 22.05 3.59
C GLU C 134 13.91 20.97 3.86
N GLY C 135 14.36 19.73 4.05
CA GLY C 135 13.48 18.61 4.33
C GLY C 135 13.82 17.42 3.50
N CYS C 136 13.78 16.24 4.10
CA CYS C 136 14.08 15.03 3.35
C CYS C 136 13.04 14.73 2.27
N GLN C 137 11.82 15.24 2.38
CA GLN C 137 10.90 15.12 1.28
C GLN C 137 11.56 15.67 0.00
N TYR C 138 12.26 16.80 0.14
CA TYR C 138 12.82 17.49 -0.98
C TYR C 138 14.17 16.90 -1.40
N THR C 139 15.02 16.56 -0.42
CA THR C 139 16.39 16.13 -0.77
C THR C 139 16.51 14.64 -1.02
N GLN C 140 15.50 13.85 -0.63
CA GLN C 140 15.54 12.40 -0.84
C GLN C 140 14.21 11.83 -1.33
N GLY C 141 13.21 12.66 -1.57
CA GLY C 141 11.87 12.19 -1.81
C GLY C 141 11.52 11.83 -3.25
N MET C 142 12.46 11.83 -4.19
CA MET C 142 12.18 11.32 -5.54
C MET C 142 12.33 9.81 -5.48
N ILE C 143 11.49 9.16 -4.70
CA ILE C 143 11.55 7.72 -4.51
C ILE C 143 10.18 7.19 -4.08
N HIS C 144 9.88 5.95 -4.49
CA HIS C 144 8.73 5.23 -3.98
C HIS C 144 9.03 3.76 -3.99
N ASN C 145 8.22 3.00 -3.25
CA ASN C 145 8.49 1.58 -3.06
C ASN C 145 7.16 0.87 -3.00
N MET C 146 6.94 -0.01 -3.96
CA MET C 146 5.66 -0.68 -4.11
C MET C 146 5.83 -2.17 -4.38
N GLU C 147 4.79 -2.91 -4.06
CA GLU C 147 4.65 -4.32 -4.43
C GLU C 147 4.03 -4.37 -5.83
N TYR C 148 4.77 -4.89 -6.80
CA TYR C 148 4.31 -4.96 -8.18
C TYR C 148 3.91 -6.37 -8.55
N VAL C 149 2.88 -6.48 -9.40
CA VAL C 149 2.52 -7.74 -10.04
C VAL C 149 2.38 -7.50 -11.54
N GLY C 150 2.96 -8.40 -12.31
CA GLY C 150 2.93 -8.25 -13.75
C GLY C 150 3.51 -9.48 -14.39
N VAL C 151 4.08 -9.29 -15.58
CA VAL C 151 4.60 -10.38 -16.39
C VAL C 151 6.08 -10.12 -16.70
N PRO C 152 6.95 -11.13 -16.55
CA PRO C 152 8.36 -10.93 -16.88
C PRO C 152 8.52 -10.64 -18.36
N LEU C 153 9.41 -9.72 -18.71
CA LEU C 153 9.64 -9.46 -20.12
C LEU C 153 10.10 -10.72 -20.84
N SER C 154 10.82 -11.61 -20.16
CA SER C 154 11.28 -12.85 -20.79
C SER C 154 10.14 -13.63 -21.43
N VAL C 155 8.99 -13.69 -20.76
CA VAL C 155 7.88 -14.45 -21.31
C VAL C 155 7.22 -13.79 -22.52
N LEU C 156 7.14 -12.46 -22.51
CA LEU C 156 6.61 -11.73 -23.67
C LEU C 156 7.56 -11.87 -24.86
N LEU C 157 8.85 -11.72 -24.59
CA LEU C 157 9.83 -11.81 -25.68
C LEU C 157 9.90 -13.21 -26.27
N ALA C 158 9.72 -14.24 -25.43
CA ALA C 158 9.65 -15.63 -25.90
C ALA C 158 8.52 -15.82 -26.91
N GLU C 159 7.42 -15.09 -26.74
CA GLU C 159 6.31 -15.19 -27.66
C GLU C 159 6.67 -14.71 -29.08
N ALA C 160 7.43 -13.62 -29.15
CA ALA C 160 7.90 -13.06 -30.43
C ALA C 160 9.07 -13.85 -30.99
N GLY C 161 9.93 -14.34 -30.12
CA GLY C 161 11.11 -15.12 -30.53
C GLY C 161 12.27 -14.21 -30.83
N VAL C 162 13.14 -13.98 -29.85
CA VAL C 162 14.27 -13.08 -30.02
C VAL C 162 15.31 -13.72 -30.94
N LYS C 163 15.68 -13.03 -32.01
CA LYS C 163 16.70 -13.53 -32.93
C LYS C 163 18.09 -13.54 -32.30
N PRO C 164 18.98 -14.39 -32.82
CA PRO C 164 20.32 -14.45 -32.28
C PRO C 164 21.06 -13.10 -32.32
N GLU C 165 20.72 -12.25 -33.30
CA GLU C 165 21.34 -10.93 -33.45
C GLU C 165 20.87 -9.90 -32.40
N GLY C 166 19.77 -10.20 -31.72
CA GLY C 166 19.19 -9.26 -30.76
C GLY C 166 19.99 -9.20 -29.48
N LYS C 167 20.52 -8.03 -29.18
CA LYS C 167 21.41 -7.84 -28.04
C LYS C 167 20.92 -6.79 -27.03
N TRP C 168 20.05 -5.90 -27.49
CA TRP C 168 19.52 -4.78 -26.69
C TRP C 168 18.02 -4.70 -26.90
N LEU C 169 17.33 -4.31 -25.84
CA LEU C 169 15.92 -3.99 -25.88
C LEU C 169 15.76 -2.49 -25.68
N TYR C 170 14.95 -1.88 -26.54
CA TYR C 170 14.59 -0.46 -26.43
C TYR C 170 13.12 -0.39 -26.05
N ALA C 171 12.83 0.29 -24.95
CA ALA C 171 11.43 0.42 -24.49
C ALA C 171 11.01 1.87 -24.63
N GLU C 172 9.81 2.12 -25.17
CA GLU C 172 9.30 3.49 -25.24
C GLU C 172 7.85 3.52 -24.84
N GLY C 173 7.49 4.67 -24.29
CA GLY C 173 6.17 4.94 -23.80
C GLY C 173 5.22 5.49 -24.85
N ALA C 174 3.94 5.48 -24.49
CA ALA C 174 2.86 5.96 -25.32
C ALA C 174 2.75 7.48 -25.35
N ASP C 175 3.42 8.17 -24.42
CA ASP C 175 3.37 9.61 -24.30
C ASP C 175 4.21 10.31 -25.36
N ALA C 176 3.98 11.61 -25.51
CA ALA C 176 4.71 12.41 -26.46
C ALA C 176 6.21 12.36 -26.21
N SER C 177 6.61 12.32 -24.96
CA SER C 177 8.03 12.33 -24.63
C SER C 177 8.74 11.05 -25.00
N SER C 178 7.99 9.94 -25.02
CA SER C 178 8.47 8.57 -25.32
C SER C 178 9.36 7.97 -24.24
N ASN C 179 10.31 8.74 -23.73
CA ASN C 179 11.20 8.21 -22.70
C ASN C 179 11.93 6.94 -23.13
N GLY C 180 12.31 6.87 -24.39
CA GLY C 180 12.94 5.66 -24.88
C GLY C 180 14.25 5.41 -24.16
N ARG C 181 14.45 4.17 -23.74
CA ARG C 181 15.69 3.72 -23.09
C ARG C 181 16.12 2.34 -23.56
N SER C 182 17.43 2.15 -23.59
CA SER C 182 18.01 0.92 -24.05
C SER C 182 18.49 0.05 -22.87
N PHE C 183 18.24 -1.25 -22.96
CA PHE C 183 18.57 -2.20 -21.91
C PHE C 183 19.41 -3.32 -22.50
N PRO C 184 20.47 -3.75 -21.80
CA PRO C 184 21.12 -4.98 -22.30
C PRO C 184 20.21 -6.18 -22.07
N MET C 185 20.29 -7.15 -22.96
CA MET C 185 19.40 -8.31 -22.87
C MET C 185 19.55 -9.09 -21.56
N GLU C 186 20.75 -9.11 -20.98
CA GLU C 186 20.94 -9.84 -19.74
C GLU C 186 20.06 -9.32 -18.60
N LYS C 187 19.91 -8.01 -18.51
CA LYS C 187 19.02 -7.44 -17.52
C LYS C 187 17.54 -7.75 -17.82
N VAL C 188 17.16 -7.54 -19.07
CA VAL C 188 15.81 -7.83 -19.53
C VAL C 188 15.34 -9.24 -19.14
N MET C 189 16.23 -10.20 -19.35
CA MET C 189 15.93 -11.62 -19.11
C MET C 189 16.05 -12.03 -17.65
N ASP C 190 16.62 -11.15 -16.83
CA ASP C 190 16.75 -11.38 -15.40
C ASP C 190 15.43 -11.07 -14.64
N ASP C 191 15.16 -9.79 -14.39
CA ASP C 191 14.08 -9.42 -13.51
C ASP C 191 13.30 -8.18 -13.94
N VAL C 192 13.39 -7.79 -15.21
CA VAL C 192 12.55 -6.67 -15.67
C VAL C 192 11.13 -7.22 -15.88
N MET C 193 10.16 -6.48 -15.37
CA MET C 193 8.77 -6.85 -15.41
C MET C 193 7.96 -5.77 -16.15
N LEU C 194 6.91 -6.20 -16.86
CA LEU C 194 5.82 -5.32 -17.29
C LEU C 194 4.78 -5.43 -16.19
N ALA C 195 4.72 -4.39 -15.36
CA ALA C 195 3.83 -4.36 -14.22
C ALA C 195 2.49 -3.72 -14.54
N PHE C 196 1.43 -4.34 -14.03
CA PHE C 196 0.08 -3.81 -14.14
C PHE C 196 -0.52 -3.41 -12.81
N PHE C 197 -0.04 -4.03 -11.74
CA PHE C 197 -0.54 -3.75 -10.41
C PHE C 197 0.58 -3.23 -9.55
N ALA C 198 0.22 -2.29 -8.70
CA ALA C 198 1.15 -1.73 -7.73
C ALA C 198 0.41 -1.51 -6.41
N ASN C 199 0.92 -2.14 -5.34
CA ASN C 199 0.28 -2.11 -4.04
C ASN C 199 -1.18 -2.54 -4.15
N GLY C 200 -1.39 -3.65 -4.85
CA GLY C 200 -2.63 -4.38 -4.88
C GLY C 200 -3.54 -4.07 -6.05
N GLU C 201 -3.52 -2.84 -6.52
CA GLU C 201 -4.48 -2.35 -7.50
C GLU C 201 -3.78 -1.90 -8.76
N ALA C 202 -4.54 -1.48 -9.76
CA ALA C 202 -3.93 -1.01 -10.99
C ALA C 202 -2.97 0.15 -10.69
N LEU C 203 -1.94 0.29 -11.52
CA LEU C 203 -1.12 1.47 -11.50
C LEU C 203 -2.01 2.72 -11.52
N ARG C 204 -1.58 3.76 -10.79
CA ARG C 204 -2.19 5.06 -10.89
C ARG C 204 -1.88 5.65 -12.27
N LYS C 205 -2.75 6.53 -12.73
CA LYS C 205 -2.56 7.22 -14.02
C LYS C 205 -1.14 7.77 -14.17
N GLU C 206 -0.72 8.48 -13.15
CA GLU C 206 0.54 9.18 -13.14
C GLU C 206 1.76 8.27 -12.99
N HIS C 207 1.52 7.01 -12.66
CA HIS C 207 2.57 6.01 -12.53
C HIS C 207 2.56 5.02 -13.69
N GLY C 208 1.84 5.33 -14.76
CA GLY C 208 1.95 4.55 -16.00
C GLY C 208 0.76 3.70 -16.40
N TYR C 209 -0.41 3.88 -15.78
CA TYR C 209 -1.58 3.05 -16.10
C TYR C 209 -1.77 2.96 -17.60
N PRO C 210 -1.99 1.74 -18.13
CA PRO C 210 -2.18 0.48 -17.42
C PRO C 210 -0.96 -0.42 -17.30
N ALA C 211 0.20 0.02 -17.79
CA ALA C 211 1.38 -0.86 -17.77
C ALA C 211 2.67 -0.04 -17.79
N ARG C 212 3.61 -0.43 -16.93
CA ARG C 212 4.94 0.21 -16.86
C ARG C 212 6.02 -0.84 -16.72
N LEU C 213 7.25 -0.48 -17.05
CA LEU C 213 8.36 -1.32 -16.68
C LEU C 213 8.79 -1.10 -15.24
N VAL C 214 9.14 -2.19 -14.56
CA VAL C 214 9.75 -2.19 -13.25
C VAL C 214 11.11 -2.81 -13.48
N VAL C 215 12.17 -2.11 -13.03
CA VAL C 215 13.56 -2.42 -13.39
C VAL C 215 14.36 -2.44 -12.09
N PRO C 216 14.31 -3.55 -11.35
CA PRO C 216 14.82 -3.52 -9.98
C PRO C 216 16.26 -3.04 -9.84
N GLY C 217 16.42 -2.06 -8.97
CA GLY C 217 17.73 -1.54 -8.69
C GLY C 217 18.25 -0.48 -9.62
N TRP C 218 17.56 -0.25 -10.74
CA TRP C 218 18.03 0.65 -11.79
C TRP C 218 17.31 1.99 -11.74
N GLU C 219 17.99 3.02 -12.22
CA GLU C 219 17.51 4.38 -12.12
C GLU C 219 16.11 4.53 -12.67
N GLY C 220 15.35 5.39 -11.99
CA GLY C 220 13.94 5.55 -12.28
C GLY C 220 13.60 5.83 -13.72
N ASN C 221 14.47 6.56 -14.41
CA ASN C 221 14.17 6.90 -15.79
C ASN C 221 13.94 5.67 -16.63
N MET C 222 14.54 4.55 -16.27
CA MET C 222 14.38 3.35 -17.05
CA MET C 222 14.42 3.28 -17.00
C MET C 222 13.05 2.63 -16.82
N TRP C 223 12.30 3.05 -15.79
CA TRP C 223 11.01 2.44 -15.50
C TRP C 223 9.93 3.06 -16.42
N VAL C 224 10.02 2.73 -17.69
CA VAL C 224 9.21 3.38 -18.73
C VAL C 224 7.72 3.18 -18.43
N LYS C 225 6.98 4.29 -18.36
CA LYS C 225 5.55 4.27 -18.10
C LYS C 225 4.73 4.27 -19.35
N TRP C 226 3.51 3.76 -19.24
CA TRP C 226 2.59 3.73 -20.37
C TRP C 226 3.26 3.01 -21.54
N VAL C 227 3.93 1.90 -21.24
CA VAL C 227 4.84 1.36 -22.22
CA VAL C 227 4.81 1.26 -22.21
C VAL C 227 4.08 0.84 -23.45
N ARG C 228 4.55 1.26 -24.62
CA ARG C 228 3.89 0.90 -25.89
C ARG C 228 4.70 0.00 -26.79
N ARG C 229 6.02 -0.02 -26.66
CA ARG C 229 6.81 -0.77 -27.62
C ARG C 229 8.09 -1.24 -26.97
N LEU C 230 8.43 -2.49 -27.29
CA LEU C 230 9.69 -3.13 -26.95
C LEU C 230 10.35 -3.52 -28.28
N GLY C 231 11.41 -2.82 -28.66
CA GLY C 231 12.13 -3.09 -29.89
C GLY C 231 13.43 -3.81 -29.58
N ILE C 232 13.72 -4.85 -30.35
CA ILE C 232 14.96 -5.58 -30.16
C ILE C 232 15.97 -5.16 -31.24
N TYR C 233 17.14 -4.71 -30.83
CA TYR C 233 18.18 -4.17 -31.73
C TYR C 233 19.50 -4.84 -31.45
N ASP C 234 20.46 -4.63 -32.34
CA ASP C 234 21.77 -5.24 -32.15
C ASP C 234 22.75 -4.33 -31.41
N LYS C 235 22.30 -3.13 -31.08
CA LYS C 235 23.10 -2.11 -30.41
CA LYS C 235 23.10 -2.20 -30.30
C LYS C 235 22.17 -1.22 -29.58
N ALA C 236 22.72 -0.47 -28.64
CA ALA C 236 21.95 0.54 -27.92
C ALA C 236 21.47 1.61 -28.88
N VAL C 237 20.29 2.13 -28.65
CA VAL C 237 19.77 3.23 -29.47
C VAL C 237 20.53 4.53 -29.23
N GLU C 238 20.96 4.75 -27.98
CA GLU C 238 21.60 6.02 -27.59
CA GLU C 238 21.56 6.00 -27.55
C GLU C 238 20.62 7.18 -27.82
N SER C 239 19.45 7.04 -27.20
CA SER C 239 18.38 7.99 -27.25
C SER C 239 18.68 9.21 -26.37
N ARG C 240 17.82 10.21 -26.46
CA ARG C 240 18.03 11.48 -25.76
C ARG C 240 18.19 11.24 -24.26
N GLU C 241 17.38 10.32 -23.72
CA GLU C 241 17.38 10.04 -22.29
C GLU C 241 18.51 9.12 -21.85
N GLU C 242 19.48 8.88 -22.71
CA GLU C 242 20.70 8.17 -22.28
C GLU C 242 21.97 8.79 -22.89
N THR C 243 21.83 10.00 -23.45
CA THR C 243 22.95 10.75 -24.05
C THR C 243 22.95 12.18 -23.47
N SER C 244 22.00 12.99 -23.90
CA SER C 244 21.83 14.32 -23.33
C SER C 244 21.59 14.22 -21.81
N LYS C 245 20.71 13.30 -21.42
CA LYS C 245 20.31 13.14 -20.05
C LYS C 245 20.72 11.76 -19.56
N TYR C 246 20.80 11.62 -18.23
CA TYR C 246 21.16 10.37 -17.54
C TYR C 246 22.54 9.92 -18.01
N THR C 247 23.41 10.91 -18.23
CA THR C 247 24.83 10.75 -18.39
C THR C 247 25.46 11.72 -17.38
N ASP C 248 26.62 11.36 -16.85
CA ASP C 248 27.12 11.90 -15.59
C ASP C 248 28.51 12.52 -15.83
N LEU C 249 28.55 13.85 -15.91
CA LEU C 249 29.75 14.57 -16.28
C LEU C 249 30.79 14.48 -15.19
N MET C 250 32.04 14.19 -15.58
CA MET C 250 33.13 13.93 -14.65
C MET C 250 34.16 15.07 -14.74
N PRO C 251 35.13 15.09 -13.80
CA PRO C 251 36.05 16.25 -13.74
C PRO C 251 36.86 16.52 -14.98
N ASP C 252 37.18 15.51 -15.77
CA ASP C 252 37.97 15.73 -16.99
C ASP C 252 37.13 16.18 -18.20
N GLY C 253 35.82 16.35 -18.03
CA GLY C 253 34.97 16.73 -19.16
C GLY C 253 34.40 15.58 -19.96
N ARG C 254 34.83 14.36 -19.70
CA ARG C 254 34.15 13.19 -20.21
C ARG C 254 32.97 12.87 -19.26
N ALA C 255 32.07 12.00 -19.69
CA ALA C 255 30.89 11.68 -18.89
C ALA C 255 30.68 10.19 -18.89
N ARG C 256 30.25 9.65 -17.76
CA ARG C 256 29.79 8.27 -17.73
C ARG C 256 28.44 8.16 -18.42
N LYS C 257 28.28 7.12 -19.22
CA LYS C 257 26.96 6.75 -19.70
C LYS C 257 26.57 5.42 -19.11
N TRP C 258 25.29 5.09 -19.23
CA TRP C 258 24.80 3.78 -18.85
C TRP C 258 25.09 3.52 -17.37
N THR C 259 24.90 4.55 -16.53
CA THR C 259 25.00 4.37 -15.10
C THR C 259 23.61 3.93 -14.65
N TRP C 260 23.38 2.64 -14.75
CA TRP C 260 22.07 2.11 -14.57
C TRP C 260 21.77 1.88 -13.10
N VAL C 261 22.68 1.25 -12.34
CA VAL C 261 22.38 0.89 -10.96
CA VAL C 261 22.41 0.88 -10.96
C VAL C 261 22.42 2.08 -10.03
N MET C 262 21.51 2.06 -9.07
CA MET C 262 21.44 3.00 -7.96
C MET C 262 22.18 2.37 -6.76
N ASP C 263 23.18 3.07 -6.24
CA ASP C 263 24.02 2.55 -5.20
C ASP C 263 23.40 2.72 -3.80
N ALA C 264 23.97 2.02 -2.82
CA ALA C 264 23.45 2.00 -1.45
C ALA C 264 23.33 3.40 -0.89
N LYS C 265 22.22 3.64 -0.21
CA LYS C 265 21.83 4.97 0.18
C LYS C 265 20.95 4.89 1.42
N SER C 266 20.89 5.97 2.17
CA SER C 266 20.02 6.04 3.34
C SER C 266 19.73 7.46 3.68
N VAL C 267 18.66 7.65 4.44
CA VAL C 267 18.34 8.93 5.04
C VAL C 267 17.54 8.73 6.31
N ILE C 268 17.85 9.54 7.32
CA ILE C 268 17.06 9.64 8.52
C ILE C 268 15.82 10.51 8.21
N THR C 269 14.65 9.90 8.34
CA THR C 269 13.40 10.62 8.05
C THR C 269 12.84 11.39 9.25
N SER C 270 13.19 10.96 10.46
CA SER C 270 12.90 11.74 11.64
CA SER C 270 12.78 11.60 11.71
C SER C 270 13.87 11.41 12.76
N PRO C 271 14.33 12.46 13.46
CA PRO C 271 14.13 13.89 13.20
C PRO C 271 14.67 14.30 11.81
N SER C 272 14.09 15.35 11.26
CA SER C 272 14.52 15.90 10.00
C SER C 272 13.90 17.31 9.96
N PRO C 273 14.23 18.14 8.94
CA PRO C 273 13.78 19.53 9.02
C PRO C 273 12.26 19.75 9.12
N GLN C 274 11.49 18.87 8.48
CA GLN C 274 10.03 18.93 8.53
C GLN C 274 9.48 18.22 9.76
N VAL C 275 10.35 17.58 10.56
CA VAL C 275 9.96 16.78 11.72
C VAL C 275 10.82 17.22 12.92
N PRO C 276 10.59 18.43 13.42
CA PRO C 276 11.33 18.91 14.58
C PRO C 276 10.99 18.13 15.84
N ILE C 277 11.91 18.15 16.79
CA ILE C 277 11.66 17.53 18.10
C ILE C 277 10.96 18.57 18.96
N ARG C 278 9.66 18.41 19.20
CA ARG C 278 8.90 19.36 19.98
C ARG C 278 8.62 18.85 21.38
N HIS C 279 8.95 17.59 21.67
CA HIS C 279 8.56 16.99 22.93
C HIS C 279 9.59 17.04 24.06
N GLY C 280 10.71 17.72 23.84
CA GLY C 280 11.69 17.93 24.93
C GLY C 280 12.66 16.80 25.07
N LYS C 281 13.45 16.81 26.15
CA LYS C 281 14.45 15.77 26.37
C LYS C 281 13.81 14.42 26.68
N GLY C 282 14.60 13.38 26.50
CA GLY C 282 14.23 12.03 26.90
C GLY C 282 14.17 11.13 25.68
N PRO C 283 13.42 10.03 25.79
CA PRO C 283 13.35 9.07 24.69
C PRO C 283 13.02 9.73 23.35
N LEU C 284 13.75 9.31 22.35
CA LEU C 284 13.59 9.82 20.97
C LEU C 284 13.82 8.67 19.99
N VAL C 285 12.88 8.54 19.05
CA VAL C 285 13.02 7.57 17.97
C VAL C 285 13.74 8.21 16.80
N ILE C 286 14.84 7.62 16.37
CA ILE C 286 15.44 7.96 15.09
C ILE C 286 14.96 6.90 14.10
N SER C 287 14.31 7.37 13.03
CA SER C 287 13.72 6.49 12.03
C SER C 287 14.28 6.85 10.66
N GLY C 288 14.50 5.87 9.80
CA GLY C 288 14.85 6.18 8.44
C GLY C 288 14.77 5.06 7.47
N LEU C 289 15.18 5.37 6.24
CA LEU C 289 15.13 4.45 5.10
C LEU C 289 16.52 4.20 4.55
N ALA C 290 16.76 2.98 4.12
CA ALA C 290 18.00 2.55 3.46
C ALA C 290 17.61 1.65 2.30
N TRP C 291 18.42 1.65 1.25
CA TRP C 291 18.14 0.87 0.06
C TRP C 291 19.37 0.77 -0.80
N SER C 292 19.41 -0.24 -1.65
CA SER C 292 20.50 -0.43 -2.58
C SER C 292 20.05 -1.16 -3.83
N GLY C 293 20.48 -0.65 -4.98
CA GLY C 293 20.26 -1.33 -6.22
C GLY C 293 21.16 -2.52 -6.44
N ASN C 294 22.14 -2.68 -5.57
CA ASN C 294 23.08 -3.80 -5.67
C ASN C 294 22.73 -5.00 -4.79
N GLY C 295 21.56 -4.97 -4.17
CA GLY C 295 21.08 -6.11 -3.41
C GLY C 295 20.37 -5.73 -2.14
N ARG C 296 20.51 -6.56 -1.11
CA ARG C 296 19.92 -6.32 0.18
C ARG C 296 20.78 -5.42 1.04
N ILE C 297 20.14 -4.54 1.78
CA ILE C 297 20.80 -3.84 2.88
C ILE C 297 21.13 -4.85 4.00
N THR C 298 22.36 -4.79 4.49
CA THR C 298 22.79 -5.67 5.58
C THR C 298 22.84 -4.97 6.92
N ARG C 299 23.15 -3.68 6.91
CA ARG C 299 23.11 -2.91 8.13
C ARG C 299 23.05 -1.42 7.84
N VAL C 300 22.60 -0.65 8.83
CA VAL C 300 22.66 0.79 8.81
C VAL C 300 23.25 1.27 10.11
N ASP C 301 24.26 2.13 9.98
CA ASP C 301 24.88 2.74 11.15
C ASP C 301 24.41 4.19 11.26
N VAL C 302 24.23 4.66 12.48
CA VAL C 302 23.78 6.00 12.78
C VAL C 302 24.82 6.72 13.64
N SER C 303 25.09 7.97 13.29
CA SER C 303 25.94 8.83 14.10
C SER C 303 25.14 9.99 14.65
N LEU C 304 25.41 10.37 15.90
CA LEU C 304 24.85 11.56 16.50
C LEU C 304 25.82 12.73 16.51
N ASP C 305 27.06 12.50 16.06
CA ASP C 305 28.12 13.50 16.20
C ASP C 305 28.87 13.75 14.90
N GLY C 306 28.17 13.69 13.77
CA GLY C 306 28.74 14.09 12.49
C GLY C 306 29.72 13.11 11.89
N GLY C 307 29.64 11.86 12.31
CA GLY C 307 30.47 10.82 11.77
C GLY C 307 31.72 10.51 12.57
N LYS C 308 31.87 11.10 13.76
CA LYS C 308 33.00 10.76 14.62
C LYS C 308 32.80 9.38 15.23
N ASN C 309 31.55 9.06 15.58
CA ASN C 309 31.24 7.77 16.19
C ASN C 309 29.93 7.24 15.66
N TRP C 310 29.89 5.93 15.47
CA TRP C 310 28.72 5.27 14.88
C TRP C 310 28.19 4.17 15.76
N THR C 311 26.87 4.01 15.74
CA THR C 311 26.14 2.93 16.41
C THR C 311 25.29 2.20 15.37
N THR C 312 25.33 0.88 15.35
CA THR C 312 24.52 0.11 14.40
C THR C 312 23.05 0.15 14.84
N ALA C 313 22.19 0.60 13.94
CA ALA C 313 20.74 0.65 14.13
C ALA C 313 20.16 -0.75 13.94
N ARG C 314 18.86 -0.88 14.16
CA ARG C 314 18.22 -2.15 13.83
C ARG C 314 17.38 -1.98 12.59
N ILE C 315 17.29 -3.03 11.81
CA ILE C 315 16.38 -3.10 10.68
CA ILE C 315 16.36 -3.09 10.69
C ILE C 315 15.02 -3.56 11.23
N THR C 316 13.97 -2.82 10.91
CA THR C 316 12.59 -3.09 11.33
C THR C 316 11.86 -3.64 10.14
N GLY C 317 11.58 -4.94 10.20
CA GLY C 317 11.01 -5.68 9.09
C GLY C 317 12.10 -6.41 8.33
N GLN C 318 11.86 -6.65 7.06
CA GLN C 318 12.82 -7.34 6.22
C GLN C 318 13.72 -6.38 5.45
N ALA C 319 14.84 -6.90 4.99
CA ALA C 319 15.72 -6.22 4.06
C ALA C 319 15.64 -6.98 2.74
N LEU C 320 14.66 -6.64 1.91
CA LEU C 320 14.46 -7.32 0.65
C LEU C 320 15.40 -6.75 -0.41
N PRO C 321 15.74 -7.56 -1.42
CA PRO C 321 16.68 -7.05 -2.41
C PRO C 321 16.09 -5.87 -3.19
N LYS C 322 16.90 -4.83 -3.31
CA LYS C 322 16.56 -3.69 -4.19
C LYS C 322 15.21 -3.06 -3.81
N ALA C 323 15.02 -2.93 -2.50
CA ALA C 323 13.79 -2.41 -1.92
C ALA C 323 14.08 -1.54 -0.70
N LEU C 324 13.19 -0.58 -0.41
CA LEU C 324 13.31 0.21 0.79
C LEU C 324 13.29 -0.64 2.01
N THR C 325 14.11 -0.22 2.96
CA THR C 325 14.34 -0.92 4.20
C THR C 325 14.27 0.11 5.32
N ARG C 326 13.52 -0.20 6.38
CA ARG C 326 13.31 0.71 7.49
C ARG C 326 14.29 0.38 8.60
N PHE C 327 14.90 1.42 9.15
CA PHE C 327 15.77 1.28 10.31
C PHE C 327 15.36 2.20 11.44
N HIS C 328 15.70 1.77 12.66
CA HIS C 328 15.42 2.55 13.88
C HIS C 328 16.61 2.51 14.83
N LEU C 329 16.81 3.65 15.51
CA LEU C 329 17.69 3.68 16.67
C LEU C 329 16.98 4.50 17.74
N ASP C 330 16.81 3.91 18.93
CA ASP C 330 16.19 4.63 20.02
C ASP C 330 17.27 5.22 20.91
N ILE C 331 17.19 6.51 21.18
CA ILE C 331 18.16 7.16 22.05
C ILE C 331 17.44 7.92 23.16
N ASP C 332 18.23 8.40 24.12
CA ASP C 332 17.75 9.26 25.18
C ASP C 332 18.40 10.59 24.94
N TRP C 333 17.63 11.53 24.37
CA TRP C 333 18.15 12.85 24.01
C TRP C 333 18.29 13.72 25.22
N ASP C 334 19.53 14.14 25.50
CA ASP C 334 19.81 15.01 26.63
C ASP C 334 19.65 16.49 26.30
N GLY C 335 19.16 16.81 25.10
CA GLY C 335 18.91 18.19 24.71
C GLY C 335 20.11 18.89 24.07
N SER C 336 21.22 18.17 23.93
CA SER C 336 22.41 18.71 23.29
C SER C 336 22.23 18.77 21.78
N GLU C 337 22.91 19.70 21.14
CA GLU C 337 22.96 19.68 19.69
C GLU C 337 23.53 18.37 19.17
N MET C 338 23.02 17.91 18.02
CA MET C 338 23.51 16.71 17.37
C MET C 338 23.74 16.98 15.89
N LEU C 339 24.63 16.17 15.30
CA LEU C 339 24.79 16.09 13.85
C LEU C 339 24.48 14.65 13.45
N LEU C 340 23.25 14.43 13.01
CA LEU C 340 22.76 13.09 12.72
C LEU C 340 23.17 12.67 11.33
N GLN C 341 23.64 11.44 11.19
CA GLN C 341 23.92 10.85 9.91
C GLN C 341 23.52 9.38 9.94
N SER C 342 23.20 8.83 8.76
CA SER C 342 23.03 7.42 8.60
C SER C 342 23.90 6.96 7.43
N ARG C 343 24.38 5.73 7.54
CA ARG C 343 25.28 5.13 6.55
C ARG C 343 24.89 3.68 6.29
N ALA C 344 24.39 3.41 5.09
CA ALA C 344 23.95 2.09 4.66
C ALA C 344 25.10 1.20 4.22
N VAL C 345 24.97 -0.09 4.48
CA VAL C 345 25.88 -1.10 3.96
C VAL C 345 25.00 -2.15 3.26
N ASP C 346 25.42 -2.60 2.07
CA ASP C 346 24.70 -3.65 1.38
C ASP C 346 25.49 -4.95 1.31
N GLU C 347 24.86 -5.98 0.76
CA GLU C 347 25.44 -7.33 0.79
C GLU C 347 26.70 -7.50 -0.01
N THR C 348 27.01 -6.55 -0.89
CA THR C 348 28.28 -6.58 -1.61
C THR C 348 29.43 -6.08 -0.76
N GLY C 349 29.13 -5.50 0.40
CA GLY C 349 30.15 -4.86 1.25
C GLY C 349 30.30 -3.36 1.05
N TYR C 350 29.60 -2.85 0.05
CA TYR C 350 29.59 -1.41 -0.23
C TYR C 350 29.01 -0.63 0.94
N VAL C 351 29.73 0.40 1.35
CA VAL C 351 29.34 1.30 2.42
C VAL C 351 29.05 2.67 1.82
N GLN C 352 27.87 3.20 2.09
CA GLN C 352 27.47 4.49 1.59
C GLN C 352 28.55 5.53 1.89
N PRO C 353 28.98 6.25 0.85
CA PRO C 353 30.04 7.26 1.01
C PRO C 353 29.54 8.61 1.49
N THR C 354 30.44 9.42 2.02
CA THR C 354 30.12 10.82 2.25
C THR C 354 30.02 11.60 0.92
N LYS C 355 29.37 12.75 0.97
CA LYS C 355 29.31 13.63 -0.20
C LYS C 355 30.72 14.02 -0.62
N ASP C 356 31.60 14.28 0.34
CA ASP C 356 32.98 14.67 0.03
C ASP C 356 33.73 13.54 -0.68
N ALA C 357 33.51 12.30 -0.25
CA ALA C 357 34.17 11.15 -0.90
C ALA C 357 33.70 10.98 -2.34
N LEU C 358 32.42 11.22 -2.57
CA LEU C 358 31.90 11.18 -3.94
C LEU C 358 32.49 12.30 -4.78
N ARG C 359 32.51 13.52 -4.25
CA ARG C 359 33.02 14.66 -5.03
C ARG C 359 34.51 14.57 -5.29
N ALA C 360 35.23 13.87 -4.42
CA ALA C 360 36.67 13.68 -4.63
C ALA C 360 36.96 12.87 -5.89
N ILE C 361 36.01 12.03 -6.32
CA ILE C 361 36.09 11.23 -7.54
C ILE C 361 35.38 11.88 -8.72
N ARG C 362 34.19 12.44 -8.46
CA ARG C 362 33.30 12.84 -9.53
C ARG C 362 33.24 14.34 -9.78
N GLY C 363 33.77 15.15 -8.87
CA GLY C 363 33.57 16.58 -8.93
C GLY C 363 32.13 16.91 -8.59
N ARG C 364 31.65 18.02 -9.12
CA ARG C 364 30.42 18.65 -8.66
C ARG C 364 29.28 18.67 -9.67
N ASN C 365 29.57 18.24 -10.90
CA ASN C 365 28.64 18.35 -12.00
C ASN C 365 28.06 17.03 -12.51
N ASN C 366 28.00 16.02 -11.65
CA ASN C 366 27.49 14.73 -12.05
C ASN C 366 26.01 14.77 -12.31
N VAL C 367 25.29 15.63 -11.59
CA VAL C 367 23.82 15.80 -11.69
C VAL C 367 23.06 14.64 -11.03
N TYR C 368 23.44 13.41 -11.34
CA TYR C 368 22.71 12.23 -10.97
C TYR C 368 23.50 11.44 -9.91
N HIS C 369 22.86 10.40 -9.39
CA HIS C 369 23.52 9.42 -8.56
C HIS C 369 24.17 9.99 -7.29
N ASN C 370 23.54 10.95 -6.64
CA ASN C 370 24.03 11.43 -5.36
C ASN C 370 23.52 10.56 -4.22
N ASN C 371 24.34 9.59 -3.81
CA ASN C 371 24.00 8.78 -2.65
C ASN C 371 24.78 9.15 -1.42
N GLY C 372 25.30 10.37 -1.38
CA GLY C 372 26.10 10.79 -0.24
C GLY C 372 25.37 10.80 1.09
N ILE C 373 26.13 10.57 2.16
CA ILE C 373 25.56 10.63 3.51
C ILE C 373 24.95 12.00 3.79
N GLN C 374 23.71 12.02 4.26
CA GLN C 374 23.03 13.23 4.67
C GLN C 374 23.29 13.54 6.14
N THR C 375 23.45 14.81 6.45
CA THR C 375 23.63 15.30 7.80
C THR C 375 22.45 16.18 8.22
N TRP C 376 21.90 15.94 9.40
CA TRP C 376 20.95 16.87 10.01
C TRP C 376 21.57 17.51 11.24
N TRP C 377 21.53 18.82 11.31
CA TRP C 377 21.90 19.54 12.54
C TRP C 377 20.66 19.72 13.40
N VAL C 378 20.66 19.03 14.54
CA VAL C 378 19.61 19.13 15.53
C VAL C 378 20.05 20.15 16.55
N LYS C 379 19.30 21.23 16.64
CA LYS C 379 19.61 22.35 17.54
C LYS C 379 18.98 22.13 18.92
N ALA C 380 19.42 22.94 19.88
CA ALA C 380 18.94 22.79 21.26
C ALA C 380 17.46 23.07 21.42
N ASP C 381 16.87 23.84 20.49
CA ASP C 381 15.43 24.06 20.48
C ASP C 381 14.63 22.96 19.77
N GLY C 382 15.33 21.91 19.31
CA GLY C 382 14.66 20.82 18.64
C GLY C 382 14.43 21.02 17.15
N GLU C 383 14.76 22.20 16.62
CA GLU C 383 14.67 22.43 15.18
C GLU C 383 15.83 21.73 14.47
N VAL C 384 15.62 21.38 13.22
CA VAL C 384 16.52 20.50 12.50
C VAL C 384 16.84 21.13 11.14
N GLU C 385 18.12 21.12 10.77
CA GLU C 385 18.58 21.73 9.52
C GLU C 385 19.34 20.78 8.63
N ASN C 386 19.15 20.97 7.33
CA ASN C 386 20.01 20.40 6.31
C ASN C 386 21.30 21.20 6.28
N VAL C 387 22.42 20.54 6.58
CA VAL C 387 23.76 21.15 6.52
C VAL C 387 24.75 20.25 5.84
N GLU C 388 25.85 20.85 5.39
CA GLU C 388 27.08 20.09 5.13
C GLU C 388 28.03 20.39 6.26
N ILE C 389 28.89 19.42 6.53
CA ILE C 389 29.96 19.58 7.52
C ILE C 389 31.28 19.14 6.90
N ALA C 390 32.37 19.75 7.37
CA ALA C 390 33.71 19.41 6.89
C ALA C 390 34.77 19.81 7.92
N LYS D 2 5.50 -21.61 -26.77
CA LYS D 2 4.67 -20.37 -26.93
C LYS D 2 3.21 -20.56 -26.52
N LEU D 3 2.65 -19.53 -25.92
CA LEU D 3 1.29 -19.57 -25.42
C LEU D 3 0.22 -19.29 -26.47
N GLY D 4 0.61 -18.67 -27.58
CA GLY D 4 -0.32 -18.33 -28.64
C GLY D 4 -1.14 -17.08 -28.35
N LEU D 5 -0.50 -16.09 -27.77
CA LEU D 5 -1.12 -14.82 -27.41
C LEU D 5 -0.52 -13.72 -28.28
N GLY D 6 -1.33 -12.72 -28.59
CA GLY D 6 -0.93 -11.65 -29.49
C GLY D 6 -1.21 -12.01 -30.94
N ARG D 7 -0.98 -11.05 -31.81
CA ARG D 7 -1.11 -11.28 -33.25
C ARG D 7 0.01 -10.54 -33.95
N GLU D 8 0.29 -10.96 -35.20
CA GLU D 8 1.39 -10.39 -35.92
C GLU D 8 1.17 -8.92 -36.23
N ALA D 9 2.18 -8.12 -35.90
CA ALA D 9 2.21 -6.72 -36.26
C ALA D 9 2.36 -6.55 -37.78
N LEU D 10 1.57 -5.62 -38.33
CA LEU D 10 1.63 -5.31 -39.77
C LEU D 10 2.71 -4.30 -40.08
N PRO D 11 3.23 -4.32 -41.32
CA PRO D 11 4.25 -3.35 -41.68
C PRO D 11 3.88 -1.88 -41.41
N GLU D 12 2.64 -1.48 -41.71
CA GLU D 12 2.17 -0.12 -41.49
C GLU D 12 2.21 0.24 -40.00
N GLU D 13 1.92 -0.73 -39.15
CA GLU D 13 1.91 -0.51 -37.69
C GLU D 13 3.33 -0.34 -37.17
N ILE D 14 4.23 -1.20 -37.61
CA ILE D 14 5.63 -1.08 -37.23
C ILE D 14 6.20 0.25 -37.70
N SER D 15 5.92 0.62 -38.94
CA SER D 15 6.41 1.87 -39.48
C SER D 15 5.89 3.07 -38.69
N ALA D 16 4.65 2.98 -38.22
CA ALA D 16 4.04 4.10 -37.49
C ALA D 16 4.68 4.33 -36.11
N TRP D 17 5.08 3.25 -35.44
CA TRP D 17 5.58 3.36 -34.06
C TRP D 17 7.09 3.26 -33.93
N ASP D 18 7.76 2.54 -34.83
CA ASP D 18 9.20 2.41 -34.70
C ASP D 18 9.89 3.42 -35.58
N THR D 19 10.22 4.57 -35.00
CA THR D 19 10.92 5.63 -35.72
C THR D 19 12.28 5.90 -35.09
N ALA D 20 12.75 4.98 -34.23
CA ALA D 20 14.04 5.11 -33.61
C ALA D 20 15.17 5.14 -34.66
N VAL D 21 16.21 5.93 -34.38
CA VAL D 21 17.37 6.00 -35.24
C VAL D 21 18.56 5.72 -34.34
N LEU D 22 19.36 4.73 -34.74
CA LEU D 22 20.54 4.32 -34.00
C LEU D 22 21.77 5.07 -34.53
N PRO D 23 22.87 5.11 -33.77
CA PRO D 23 23.99 5.99 -34.15
C PRO D 23 24.61 5.70 -35.51
N ASP D 24 24.51 4.44 -35.96
CA ASP D 24 25.02 4.01 -37.25
C ASP D 24 24.04 4.24 -38.38
N GLY D 25 22.92 4.90 -38.11
CA GLY D 25 21.95 5.22 -39.15
C GLY D 25 20.83 4.22 -39.33
N GLN D 26 20.84 3.07 -38.64
CA GLN D 26 19.68 2.19 -38.68
CA GLN D 26 19.67 2.20 -38.70
C GLN D 26 18.45 3.01 -38.29
N GLY D 27 17.37 2.91 -39.06
CA GLY D 27 16.13 3.61 -38.76
C GLY D 27 15.92 4.89 -39.57
N LEU D 28 16.97 5.40 -40.22
CA LEU D 28 16.80 6.54 -41.12
C LEU D 28 15.89 6.18 -42.28
N ARG D 29 15.04 7.11 -42.69
CA ARG D 29 14.16 6.93 -43.82
C ARG D 29 14.58 7.88 -44.94
N PRO D 30 14.24 7.54 -46.20
CA PRO D 30 14.64 8.37 -47.33
C PRO D 30 14.10 9.80 -47.24
N GLY D 31 14.97 10.77 -47.47
CA GLY D 31 14.59 12.16 -47.40
C GLY D 31 15.78 13.08 -47.37
N SER D 32 15.50 14.37 -47.30
CA SER D 32 16.53 15.39 -47.26
C SER D 32 15.95 16.72 -46.76
N GLY D 33 16.86 17.60 -46.34
CA GLY D 33 16.51 18.94 -45.92
C GLY D 33 17.73 19.82 -45.81
N ASP D 34 17.58 21.09 -46.17
CA ASP D 34 18.70 22.02 -46.09
C ASP D 34 18.56 22.99 -44.94
N VAL D 35 19.65 23.72 -44.69
CA VAL D 35 19.71 24.68 -43.58
C VAL D 35 18.61 25.74 -43.70
N ALA D 36 18.43 26.30 -44.89
CA ALA D 36 17.48 27.40 -45.07
C ALA D 36 16.05 26.96 -44.78
N THR D 37 15.72 25.75 -45.26
CA THR D 37 14.41 25.19 -45.00
C THR D 37 14.23 24.91 -43.50
N GLY D 38 15.29 24.40 -42.86
CA GLY D 38 15.27 24.17 -41.42
C GLY D 38 15.07 25.44 -40.63
N ASP D 39 15.72 26.54 -41.05
CA ASP D 39 15.56 27.84 -40.40
C ASP D 39 14.10 28.28 -40.41
N ALA D 40 13.48 28.16 -41.57
CA ALA D 40 12.07 28.53 -41.73
C ALA D 40 11.16 27.66 -40.87
N LEU D 41 11.38 26.36 -40.87
CA LEU D 41 10.62 25.47 -40.00
C LEU D 41 10.85 25.77 -38.53
N PHE D 42 12.08 26.12 -38.17
CA PHE D 42 12.44 26.41 -36.80
C PHE D 42 11.71 27.69 -36.36
N ALA D 43 11.72 28.69 -37.23
CA ALA D 43 10.99 29.93 -36.96
C ALA D 43 9.52 29.67 -36.67
N ASP D 44 8.88 28.78 -37.43
CA ASP D 44 7.46 28.55 -37.31
C ASP D 44 7.09 27.66 -36.13
N ASN D 45 7.98 26.73 -35.77
CA ASN D 45 7.63 25.65 -34.84
C ASN D 45 8.45 25.52 -33.58
N CYS D 46 9.57 26.22 -33.48
CA CYS D 46 10.55 25.95 -32.42
C CYS D 46 11.13 27.18 -31.74
N ALA D 47 11.29 28.27 -32.50
CA ALA D 47 11.99 29.46 -32.04
C ALA D 47 11.28 30.14 -30.86
N SER D 48 9.97 29.95 -30.77
CA SER D 48 9.19 30.52 -29.68
C SER D 48 9.69 30.09 -28.30
N CYS D 49 10.36 28.94 -28.25
CA CYS D 49 11.00 28.46 -27.01
C CYS D 49 12.51 28.43 -27.09
N HIS D 50 13.05 27.96 -28.22
CA HIS D 50 14.48 27.73 -28.31
C HIS D 50 15.28 28.85 -28.98
N GLY D 51 14.60 29.93 -29.38
CA GLY D 51 15.27 31.10 -29.95
C GLY D 51 15.45 31.01 -31.46
N ASP D 52 15.60 32.16 -32.10
CA ASP D 52 15.77 32.20 -33.52
C ASP D 52 17.06 31.54 -33.99
N PHE D 53 18.06 31.45 -33.12
CA PHE D 53 19.38 30.91 -33.43
C PHE D 53 19.64 29.66 -32.60
N ALA D 54 18.58 29.06 -32.06
CA ALA D 54 18.67 27.84 -31.23
C ALA D 54 19.44 28.08 -29.93
N GLU D 55 19.51 29.34 -29.53
CA GLU D 55 20.32 29.77 -28.39
C GLU D 55 19.56 29.73 -27.06
N GLY D 56 18.27 29.37 -27.12
CA GLY D 56 17.38 29.41 -25.96
C GLY D 56 16.74 30.75 -25.72
N LEU D 57 15.48 30.74 -25.29
CA LEU D 57 14.81 31.91 -24.74
C LEU D 57 14.54 31.63 -23.27
N ASP D 58 14.70 32.65 -22.43
CA ASP D 58 14.43 32.54 -21.01
C ASP D 58 15.09 31.30 -20.44
N SER D 59 14.33 30.37 -19.88
CA SER D 59 14.89 29.19 -19.24
C SER D 59 14.63 27.91 -20.05
N TRP D 60 14.18 28.06 -21.30
CA TRP D 60 13.98 26.89 -22.15
C TRP D 60 15.35 26.34 -22.62
N PRO D 61 15.38 25.07 -23.07
CA PRO D 61 16.71 24.51 -23.37
C PRO D 61 17.47 25.23 -24.49
N VAL D 62 18.77 25.41 -24.25
CA VAL D 62 19.72 25.93 -25.21
C VAL D 62 20.17 24.78 -26.11
N LEU D 63 20.05 24.94 -27.43
CA LEU D 63 20.36 23.86 -28.38
C LEU D 63 21.67 24.06 -29.10
N ALA D 64 22.27 25.23 -28.94
CA ALA D 64 23.52 25.59 -29.59
C ALA D 64 24.36 26.45 -28.65
N GLY D 65 25.64 26.16 -28.58
CA GLY D 65 26.56 26.91 -27.74
C GLY D 65 27.29 26.07 -26.71
N GLY D 66 28.14 26.72 -25.92
CA GLY D 66 28.83 26.08 -24.81
C GLY D 66 30.01 25.23 -25.18
N ASP D 67 30.48 25.38 -26.41
CA ASP D 67 31.60 24.57 -26.86
C ASP D 67 32.80 24.78 -25.93
N GLY D 68 33.44 23.69 -25.51
CA GLY D 68 34.60 23.79 -24.64
C GLY D 68 34.36 24.10 -23.17
N SER D 69 33.09 24.08 -22.75
CA SER D 69 32.70 24.44 -21.39
C SER D 69 32.60 23.27 -20.42
N LEU D 70 32.95 22.05 -20.85
CA LEU D 70 32.63 20.88 -20.04
C LEU D 70 33.48 20.71 -18.79
N THR D 71 34.55 21.51 -18.65
CA THR D 71 35.33 21.56 -17.41
C THR D 71 35.23 22.93 -16.72
N ASP D 72 34.25 23.75 -17.11
CA ASP D 72 33.97 25.01 -16.42
C ASP D 72 33.21 24.73 -15.15
N PRO D 73 33.16 25.71 -14.23
CA PRO D 73 32.36 25.51 -13.02
C PRO D 73 30.89 25.21 -13.30
N ARG D 74 30.36 25.81 -14.37
CA ARG D 74 28.99 25.64 -14.77
C ARG D 74 28.92 25.30 -16.27
N PRO D 75 29.05 24.02 -16.60
CA PRO D 75 29.06 23.66 -18.01
C PRO D 75 27.76 24.00 -18.74
N VAL D 76 27.89 24.27 -20.04
CA VAL D 76 26.73 24.50 -20.90
C VAL D 76 26.70 23.36 -21.92
N LYS D 77 25.76 22.45 -21.70
CA LYS D 77 25.70 21.18 -22.41
C LYS D 77 24.60 21.26 -23.47
N THR D 78 25.03 21.22 -24.73
CA THR D 78 24.11 21.38 -25.84
C THR D 78 24.41 20.29 -26.87
N ILE D 79 23.60 20.23 -27.91
CA ILE D 79 23.86 19.34 -29.02
C ILE D 79 25.32 19.43 -29.46
N GLY D 80 25.78 20.66 -29.70
CA GLY D 80 27.13 20.87 -30.21
C GLY D 80 28.23 20.66 -29.20
N SER D 81 28.02 21.05 -27.95
CA SER D 81 29.07 20.96 -26.94
C SER D 81 29.17 19.61 -26.28
N TYR D 82 28.09 18.84 -26.32
CA TYR D 82 27.94 17.66 -25.47
C TYR D 82 27.40 16.39 -26.14
N TRP D 83 26.44 16.50 -27.04
CA TRP D 83 25.83 15.25 -27.53
C TRP D 83 26.81 14.45 -28.37
N PRO D 84 26.74 13.12 -28.27
CA PRO D 84 27.70 12.32 -29.03
C PRO D 84 27.30 12.05 -30.50
N TYR D 85 26.00 11.91 -30.78
CA TYR D 85 25.53 11.41 -32.09
C TYR D 85 24.41 12.25 -32.67
N LEU D 86 24.45 12.42 -33.99
CA LEU D 86 23.41 13.12 -34.72
C LEU D 86 22.12 12.34 -34.74
N SER D 87 22.20 11.02 -34.72
CA SER D 87 21.00 10.20 -34.73
C SER D 87 20.01 10.64 -33.68
N THR D 88 20.50 10.95 -32.49
CA THR D 88 19.66 11.32 -31.36
C THR D 88 18.87 12.59 -31.66
N VAL D 89 19.52 13.53 -32.36
CA VAL D 89 18.87 14.79 -32.69
C VAL D 89 17.65 14.55 -33.58
N TYR D 90 17.88 13.82 -34.66
CA TYR D 90 16.81 13.50 -35.56
C TYR D 90 15.67 12.81 -34.84
N ASP D 91 16.02 11.75 -34.13
CA ASP D 91 15.03 10.90 -33.52
C ASP D 91 14.19 11.63 -32.49
N TYR D 92 14.85 12.31 -31.57
CA TYR D 92 14.15 12.99 -30.51
C TYR D 92 13.24 14.09 -31.09
N VAL D 93 13.77 14.89 -32.03
CA VAL D 93 12.96 15.94 -32.62
C VAL D 93 11.72 15.35 -33.30
N HIS D 94 11.94 14.32 -34.10
CA HIS D 94 10.85 13.71 -34.84
C HIS D 94 9.75 13.16 -33.93
N ARG D 95 10.15 12.54 -32.83
CA ARG D 95 9.24 11.83 -31.93
C ARG D 95 8.58 12.69 -30.89
N SER D 96 9.24 13.76 -30.47
CA SER D 96 8.92 14.43 -29.22
C SER D 96 8.86 15.95 -29.22
N MET D 97 9.18 16.58 -30.33
CA MET D 97 9.03 18.03 -30.48
C MET D 97 8.14 18.32 -31.67
N PRO D 98 7.57 19.52 -31.74
CA PRO D 98 7.55 20.54 -30.70
C PRO D 98 6.84 20.13 -29.40
N PHE D 99 7.29 20.70 -28.29
CA PHE D 99 6.77 20.40 -26.95
C PHE D 99 5.34 20.86 -26.88
N GLY D 100 4.43 19.92 -26.69
CA GLY D 100 3.00 20.19 -26.65
C GLY D 100 2.24 19.82 -27.91
N SER D 101 2.98 19.51 -28.96
CA SER D 101 2.38 19.13 -30.26
C SER D 101 3.35 18.23 -31.05
N ALA D 102 3.81 17.18 -30.38
CA ALA D 102 4.82 16.31 -30.93
C ALA D 102 4.29 15.48 -32.09
N GLN D 103 5.22 15.01 -32.91
CA GLN D 103 4.95 14.13 -34.06
C GLN D 103 4.19 14.83 -35.17
N THR D 104 4.48 16.12 -35.35
CA THR D 104 3.87 16.89 -36.43
C THR D 104 4.88 17.21 -37.56
N LEU D 105 6.11 16.72 -37.45
CA LEU D 105 7.15 16.95 -38.45
C LEU D 105 7.26 15.78 -39.41
N SER D 106 7.37 16.07 -40.70
CA SER D 106 7.66 15.05 -41.68
C SER D 106 9.12 14.62 -41.60
N VAL D 107 9.43 13.54 -42.32
CA VAL D 107 10.81 13.09 -42.43
C VAL D 107 11.69 14.20 -43.01
N ASP D 108 11.26 14.82 -44.11
CA ASP D 108 12.02 15.89 -44.72
C ASP D 108 12.16 17.09 -43.79
N ASP D 109 11.09 17.43 -43.10
CA ASP D 109 11.12 18.53 -42.13
C ASP D 109 12.19 18.27 -41.08
N THR D 110 12.29 17.02 -40.63
CA THR D 110 13.22 16.66 -39.57
C THR D 110 14.65 16.72 -40.05
N TYR D 111 14.90 16.27 -41.26
CA TYR D 111 16.23 16.46 -41.85
C TYR D 111 16.61 17.93 -41.94
N ALA D 112 15.68 18.75 -42.42
CA ALA D 112 15.93 20.19 -42.53
C ALA D 112 16.23 20.83 -41.17
N ILE D 113 15.42 20.52 -40.18
CA ILE D 113 15.64 21.08 -38.85
C ILE D 113 16.98 20.63 -38.29
N THR D 114 17.32 19.35 -38.50
CA THR D 114 18.59 18.83 -38.03
C THR D 114 19.75 19.56 -38.72
N ALA D 115 19.63 19.80 -40.03
CA ALA D 115 20.63 20.60 -40.74
C ALA D 115 20.78 21.99 -40.12
N PHE D 116 19.65 22.63 -39.81
CA PHE D 116 19.68 23.95 -39.19
C PHE D 116 20.34 23.93 -37.79
N LEU D 117 20.07 22.89 -37.01
CA LEU D 117 20.71 22.75 -35.70
C LEU D 117 22.22 22.55 -35.86
N LEU D 118 22.64 21.78 -36.86
CA LEU D 118 24.07 21.67 -37.15
C LEU D 118 24.66 23.05 -37.47
N TYR D 119 23.99 23.80 -38.34
CA TYR D 119 24.46 25.13 -38.71
C TYR D 119 24.53 26.06 -37.50
N SER D 120 23.51 26.01 -36.65
CA SER D 120 23.44 26.87 -35.49
C SER D 120 24.54 26.57 -34.47
N ASN D 121 25.07 25.35 -34.50
CA ASN D 121 26.18 24.91 -33.67
C ASN D 121 27.53 25.08 -34.37
N GLY D 122 27.53 25.71 -35.54
CA GLY D 122 28.76 26.03 -36.23
C GLY D 122 29.45 24.85 -36.87
N LEU D 123 28.66 23.81 -37.17
CA LEU D 123 29.24 22.53 -37.63
C LEU D 123 29.15 22.29 -39.14
N VAL D 124 28.27 23.04 -39.80
CA VAL D 124 28.14 23.01 -41.26
C VAL D 124 27.90 24.44 -41.73
N GLU D 125 28.10 24.67 -43.03
CA GLU D 125 27.82 25.97 -43.64
C GLU D 125 26.33 26.10 -43.96
N ASP D 126 25.91 27.30 -44.32
CA ASP D 126 24.48 27.60 -44.48
C ASP D 126 23.83 27.04 -45.72
N ASP D 127 24.63 26.41 -46.58
CA ASP D 127 24.12 25.72 -47.77
C ASP D 127 24.08 24.20 -47.63
N PHE D 128 24.32 23.69 -46.42
CA PHE D 128 24.36 22.26 -46.20
C PHE D 128 23.00 21.59 -46.41
N VAL D 129 23.03 20.44 -47.08
CA VAL D 129 21.88 19.57 -47.27
C VAL D 129 22.12 18.24 -46.56
N LEU D 130 21.28 17.94 -45.59
CA LEU D 130 21.34 16.69 -44.87
C LEU D 130 20.40 15.68 -45.53
N THR D 131 20.92 14.51 -45.85
CA THR D 131 20.13 13.46 -46.46
C THR D 131 20.29 12.13 -45.74
N HIS D 132 19.43 11.16 -46.07
CA HIS D 132 19.62 9.82 -45.51
C HIS D 132 20.94 9.18 -45.92
N GLU D 133 21.49 9.60 -47.05
CA GLU D 133 22.76 9.05 -47.53
C GLU D 133 24.00 9.65 -46.89
N ASN D 134 23.98 10.93 -46.54
CA ASN D 134 25.17 11.55 -45.94
C ASN D 134 25.11 11.73 -44.42
N PHE D 135 23.99 11.32 -43.82
CA PHE D 135 23.74 11.54 -42.41
C PHE D 135 24.86 10.99 -41.53
N THR D 136 25.28 9.75 -41.80
CA THR D 136 26.28 9.10 -40.95
C THR D 136 27.70 9.60 -41.19
N GLN D 137 27.90 10.52 -42.14
CA GLN D 137 29.21 11.19 -42.29
C GLN D 137 29.42 12.29 -41.25
N VAL D 138 28.34 12.73 -40.62
CA VAL D 138 28.43 13.80 -39.62
C VAL D 138 28.91 13.23 -38.30
N VAL D 139 29.97 13.82 -37.75
CA VAL D 139 30.54 13.41 -36.48
C VAL D 139 30.47 14.64 -35.58
N LEU D 140 29.80 14.51 -34.44
CA LEU D 140 29.66 15.62 -33.51
C LEU D 140 30.93 15.80 -32.68
N PRO D 141 31.17 17.04 -32.22
CA PRO D 141 32.38 17.30 -31.46
C PRO D 141 32.63 16.37 -30.28
N ASN D 142 31.57 16.04 -29.52
CA ASN D 142 31.73 15.22 -28.32
C ASN D 142 31.44 13.73 -28.53
N ALA D 143 31.57 13.26 -29.78
CA ALA D 143 31.37 11.84 -30.10
C ALA D 143 32.15 10.89 -29.20
N GLU D 144 33.32 11.30 -28.75
CA GLU D 144 34.21 10.43 -27.95
C GLU D 144 34.20 10.81 -26.47
N GLY D 145 33.18 11.57 -26.06
CA GLY D 145 33.12 12.13 -24.73
C GLY D 145 32.52 11.30 -23.63
N PHE D 146 32.09 10.07 -23.93
CA PHE D 146 31.38 9.21 -22.97
C PHE D 146 32.06 7.86 -22.83
N TYR D 147 31.88 7.25 -21.67
CA TYR D 147 32.34 5.88 -21.46
C TYR D 147 31.36 5.17 -20.55
N PRO D 148 31.20 3.85 -20.72
CA PRO D 148 30.27 3.11 -19.87
C PRO D 148 30.67 3.14 -18.40
N ASP D 149 29.65 3.14 -17.56
CA ASP D 149 29.76 3.11 -16.10
C ASP D 149 30.95 2.26 -15.66
N ASP D 150 31.86 2.89 -14.94
CA ASP D 150 33.05 2.22 -14.40
C ASP D 150 33.11 2.32 -12.88
N ARG D 151 31.97 2.54 -12.22
CA ARG D 151 31.97 2.58 -10.75
C ARG D 151 32.53 1.31 -10.14
N ASP D 152 32.33 0.18 -10.81
CA ASP D 152 32.88 -1.09 -10.34
C ASP D 152 34.41 -1.09 -10.23
N GLN D 153 35.09 -0.23 -10.99
CA GLN D 153 36.54 -0.10 -10.94
C GLN D 153 37.00 1.07 -10.07
N THR D 154 36.26 2.18 -10.14
CA THR D 154 36.69 3.46 -9.59
C THR D 154 36.07 3.85 -8.24
N GLU D 155 34.96 3.20 -7.83
CA GLU D 155 34.28 3.55 -6.60
C GLU D 155 34.02 2.35 -5.70
N TYR D 156 33.54 1.24 -6.28
CA TYR D 156 33.11 0.14 -5.43
C TYR D 156 34.28 -0.43 -4.59
N PRO D 157 35.48 -0.58 -5.17
CA PRO D 157 36.54 -1.11 -4.28
C PRO D 157 36.86 -0.18 -3.11
N LEU D 158 36.92 1.12 -3.36
CA LEU D 158 37.19 2.09 -2.32
C LEU D 158 36.09 2.13 -1.25
N PHE D 159 34.83 2.12 -1.69
CA PHE D 159 33.70 2.28 -0.79
C PHE D 159 33.33 0.97 -0.10
N SER D 160 33.94 -0.14 -0.50
CA SER D 160 33.72 -1.42 0.16
C SER D 160 34.82 -1.77 1.17
N LYS D 161 35.70 -0.81 1.46
CA LYS D 161 36.69 -1.00 2.52
C LYS D 161 35.98 -0.97 3.88
N GLU D 162 36.56 -1.64 4.88
CA GLU D 162 36.02 -1.63 6.22
C GLU D 162 35.86 -0.19 6.72
N PRO D 163 34.64 0.20 7.13
CA PRO D 163 34.48 1.58 7.54
C PRO D 163 34.81 1.80 9.00
N CYS D 164 35.05 3.07 9.35
CA CYS D 164 35.36 3.44 10.74
C CYS D 164 34.08 3.49 11.58
N MET D 165 34.14 3.01 12.83
CA MET D 165 33.03 3.07 13.78
C MET D 165 33.27 4.03 14.95
N THR D 166 34.53 4.23 15.33
CA THR D 166 34.86 4.92 16.60
C THR D 166 36.02 5.87 16.42
N ASP D 167 35.88 7.07 16.99
CA ASP D 167 36.94 8.08 16.94
C ASP D 167 37.41 8.37 15.52
N CYS D 168 36.45 8.50 14.62
CA CYS D 168 36.74 8.70 13.23
C CYS D 168 37.26 10.11 13.01
N ALA D 169 38.32 10.22 12.23
CA ALA D 169 38.96 11.50 11.93
C ALA D 169 38.20 12.21 10.81
N VAL D 170 37.08 12.82 11.16
CA VAL D 170 36.26 13.57 10.20
C VAL D 170 36.03 14.97 10.72
N GLY D 171 35.92 15.92 9.81
CA GLY D 171 35.63 17.29 10.17
C GLY D 171 34.13 17.47 10.42
N VAL D 172 33.79 18.25 11.43
CA VAL D 172 32.39 18.41 11.84
C VAL D 172 31.95 19.85 11.96
N GLU D 173 32.72 20.75 11.37
CA GLU D 173 32.32 22.16 11.32
CA GLU D 173 32.35 22.15 11.29
C GLU D 173 31.24 22.33 10.26
N ILE D 174 30.19 23.06 10.61
CA ILE D 174 29.12 23.34 9.64
C ILE D 174 29.62 24.29 8.56
N THR D 175 29.55 23.85 7.29
CA THR D 175 30.07 24.65 6.17
C THR D 175 29.00 25.19 5.21
N LYS D 176 27.90 24.49 5.07
CA LYS D 176 26.78 24.89 4.22
C LYS D 176 25.48 24.72 5.00
N ARG D 177 24.54 25.63 4.80
CA ARG D 177 23.21 25.54 5.42
C ARG D 177 22.13 25.87 4.40
N ALA D 178 21.17 24.96 4.21
CA ALA D 178 20.10 25.20 3.26
C ALA D 178 19.28 26.44 3.62
N VAL D 179 19.17 26.76 4.91
CA VAL D 179 18.37 27.91 5.31
C VAL D 179 18.96 29.21 4.77
N ASP D 180 20.25 29.21 4.42
CA ASP D 180 20.88 30.39 3.78
C ASP D 180 20.28 30.72 2.43
N LEU D 181 19.81 29.70 1.74
CA LEU D 181 19.20 29.91 0.44
C LEU D 181 17.73 30.26 0.55
N ASN D 182 17.01 29.56 1.41
CA ASN D 182 15.60 29.85 1.62
C ASN D 182 14.79 29.77 0.32
N VAL D 183 14.94 28.64 -0.39
CA VAL D 183 14.28 28.39 -1.67
C VAL D 183 13.43 27.12 -1.62
N THR D 184 13.04 26.71 -0.42
CA THR D 184 12.11 25.59 -0.27
C THR D 184 10.68 26.11 -0.13
N PRO D 185 9.69 25.43 -0.72
CA PRO D 185 8.32 25.86 -0.41
C PRO D 185 8.05 25.88 1.08
N GLU D 186 7.19 26.79 1.49
CA GLU D 186 6.90 26.98 2.90
C GLU D 186 5.42 26.82 3.22
N ASP D 187 5.17 26.39 4.44
CA ASP D 187 3.83 26.50 5.04
C ASP D 187 3.58 27.98 5.42
N PRO D 188 2.33 28.34 5.77
CA PRO D 188 2.05 29.74 6.11
C PRO D 188 2.88 30.30 7.27
N ASP D 189 3.32 29.44 8.17
CA ASP D 189 4.16 29.83 9.29
C ASP D 189 5.65 29.95 8.99
N GLY D 190 6.03 29.76 7.73
CA GLY D 190 7.42 29.88 7.33
C GLY D 190 8.23 28.60 7.45
N ARG D 191 7.65 27.53 8.01
CA ARG D 191 8.36 26.25 8.06
C ARG D 191 8.40 25.61 6.69
N PRO D 192 9.34 24.69 6.44
CA PRO D 192 9.31 23.93 5.18
C PRO D 192 7.91 23.34 4.93
N ALA D 193 7.41 23.42 3.70
CA ALA D 193 6.07 22.93 3.39
C ALA D 193 5.94 21.45 3.77
N GLY D 194 4.80 21.10 4.35
CA GLY D 194 4.55 19.73 4.77
C GLY D 194 5.07 19.39 6.15
N SER D 195 5.55 20.39 6.89
CA SER D 195 6.04 20.14 8.24
C SER D 195 4.94 19.55 9.12
N MET D 196 5.37 18.71 10.04
CA MET D 196 4.42 18.01 10.89
CA MET D 196 4.43 18.03 10.95
C MET D 196 3.66 19.02 11.79
N PRO D 197 2.35 18.82 11.94
CA PRO D 197 1.62 19.67 12.85
C PRO D 197 2.12 19.55 14.29
N ASP D 198 2.08 20.68 15.00
CA ASP D 198 2.40 20.70 16.41
C ASP D 198 1.26 20.09 17.21
N LEU D 199 1.50 18.92 17.79
CA LEU D 199 0.46 18.26 18.57
C LEU D 199 0.17 18.98 19.91
N GLY D 200 1.03 19.91 20.31
CA GLY D 200 0.76 20.78 21.46
C GLY D 200 -0.15 21.95 21.14
N ALA D 201 -0.43 22.19 19.86
CA ALA D 201 -1.37 23.22 19.42
C ALA D 201 -2.67 22.57 18.97
N ALA D 202 -3.70 23.39 18.83
CA ALA D 202 -5.02 22.90 18.45
C ALA D 202 -4.98 22.26 17.05
N ALA D 203 -5.82 21.24 16.88
CA ALA D 203 -5.97 20.54 15.61
C ALA D 203 -6.64 21.44 14.58
N ALA D 204 -6.27 21.27 13.32
CA ALA D 204 -6.81 22.08 12.23
C ALA D 204 -8.28 21.77 11.97
N PRO D 205 -9.02 22.79 11.56
CA PRO D 205 -10.39 22.64 11.08
C PRO D 205 -10.37 21.85 9.77
#